data_8AIO
#
_entry.id   8AIO
#
_cell.length_a   87.600
_cell.length_b   72.160
_cell.length_c   103.210
_cell.angle_alpha   90.000
_cell.angle_beta   101.940
_cell.angle_gamma   90.000
#
_symmetry.space_group_name_H-M   'P 1 21 1'
#
loop_
_entity.id
_entity.type
_entity.pdbx_description
1 polymer 'Iron hydrogenase 1'
2 non-polymer 'Binuclear [FeFe], di(thiomethyl)amine, carbon monoxide, cyanide cluster (-CO form)'
3 non-polymer 'IRON/SULFUR CLUSTER'
4 non-polymer 'FE2/S2 (INORGANIC) CLUSTER'
5 non-polymer GLYCEROL
6 non-polymer 'MAGNESIUM ION'
7 non-polymer 'CHLORIDE ION'
8 water water
#
_entity_poly.entity_id   1
_entity_poly.type   'polypeptide(L)'
_entity_poly.pdbx_seq_one_letter_code
;MKTIIINGVQFNTDEDTTILKFARDNNIDISALCFLNNCNNDINKCEICTVEVEGTGLVTACDTLIEDGMIINTNSDAVN
EKIKSRISQLLDIHEFKCGPCNRRENCEFLKLVIKYKARASKPFLPKDKTEYVDERSKSLTVDRTKCLLCGRCVNACGKN
TETYAMKFLNKNGKTIIGAEDEKCFDDTNCLLCGQCIIACPVAALSEKSHMDRVKNALNAPEKHVIVAMAPSVRASIGEL
FNMGFGVDVTGKIYTALRQLGFDKIFDINFGADMTIMEEATELVQRIENNGPFPMFTSCCPGWVRQAENYYPELLNNLSS
AKSPQQIFGTASKTYYPSISGLDPKNVFTVTVMPCTSKKFEADRPQMEKDGLRDIDAVITTRELAKMIKDAKIPFAKLED
SEADPAMGEYSGAGAIFGATGGVMEAALRSAKDFAENAELEDIEYKQVRGLNGIKEAEVEINNNKYNVAVINGASNLFKF
MKSGMINEKQYHFIEVMACHGGCVNGGGQPHVNPKDLEKVDIKKVRASVLYNQDEHLSKRKSHENTALVKMYQNYFGKPG
EGRAHEILHFKYKKSAWSHPQFEK
;
_entity_poly.pdbx_strand_id   A,B
#
loop_
_chem_comp.id
_chem_comp.type
_chem_comp.name
_chem_comp.formula
CL non-polymer 'CHLORIDE ION' 'Cl -1'
FES non-polymer 'FE2/S2 (INORGANIC) CLUSTER' 'Fe2 S2'
GOL non-polymer GLYCEROL 'C3 H8 O3'
MG non-polymer 'MAGNESIUM ION' 'Mg 2'
MHX non-polymer 'Binuclear [FeFe], di(thiomethyl)amine, carbon monoxide, cyanide cluster (-CO form)' 'C8 H5 Fe2 N3 O4 S2'
SF4 non-polymer 'IRON/SULFUR CLUSTER' 'Fe4 S4'
#
# COMPACT_ATOMS: atom_id res chain seq x y z
N MET A 1 -4.51 -7.09 -29.01
CA MET A 1 -5.55 -7.78 -28.25
C MET A 1 -5.05 -9.15 -27.82
N LYS A 2 -5.77 -9.77 -26.89
CA LYS A 2 -5.45 -11.10 -26.39
C LYS A 2 -6.61 -12.04 -26.74
N THR A 3 -6.28 -13.25 -27.18
CA THR A 3 -7.26 -14.31 -27.38
C THR A 3 -7.06 -15.37 -26.29
N ILE A 4 -8.07 -15.57 -25.46
CA ILE A 4 -8.01 -16.49 -24.34
C ILE A 4 -9.07 -17.56 -24.54
N ILE A 5 -8.70 -18.83 -24.31
CA ILE A 5 -9.63 -19.96 -24.27
C ILE A 5 -9.77 -20.43 -22.84
N ILE A 6 -10.99 -20.42 -22.31
CA ILE A 6 -11.25 -20.98 -20.98
C ILE A 6 -12.35 -22.03 -21.12
N ASN A 7 -12.03 -23.26 -20.74
CA ASN A 7 -13.00 -24.36 -20.79
C ASN A 7 -13.68 -24.43 -22.16
N GLY A 8 -12.88 -24.22 -23.21
CA GLY A 8 -13.38 -24.32 -24.57
C GLY A 8 -14.01 -23.07 -25.13
N VAL A 9 -14.17 -22.01 -24.33
CA VAL A 9 -14.82 -20.78 -24.73
C VAL A 9 -13.75 -19.76 -25.09
N GLN A 10 -13.92 -19.10 -26.24
CA GLN A 10 -12.94 -18.14 -26.71
C GLN A 10 -13.32 -16.73 -26.29
N PHE A 11 -12.33 -15.99 -25.82
CA PHE A 11 -12.50 -14.60 -25.43
C PHE A 11 -11.46 -13.76 -26.15
N ASN A 12 -11.85 -12.56 -26.55
CA ASN A 12 -10.94 -11.59 -27.13
C ASN A 12 -11.02 -10.33 -26.27
N THR A 13 -9.90 -9.98 -25.62
CA THR A 13 -9.91 -8.94 -24.62
C THR A 13 -8.63 -8.12 -24.67
N ASP A 14 -8.76 -6.86 -24.27
CA ASP A 14 -7.63 -5.96 -24.07
C ASP A 14 -7.16 -5.93 -22.62
N GLU A 15 -7.88 -6.58 -21.71
CA GLU A 15 -7.63 -6.43 -20.30
C GLU A 15 -6.27 -7.01 -19.89
N ASP A 16 -5.66 -6.37 -18.90
CA ASP A 16 -4.45 -6.84 -18.23
C ASP A 16 -4.87 -7.20 -16.81
N THR A 17 -5.05 -8.49 -16.55
CA THR A 17 -5.63 -8.92 -15.29
C THR A 17 -5.31 -10.40 -15.07
N THR A 18 -5.65 -10.89 -13.88
CA THR A 18 -5.38 -12.29 -13.55
C THR A 18 -6.44 -13.21 -14.15
N ILE A 19 -6.06 -14.48 -14.26
CA ILE A 19 -7.02 -15.50 -14.69
C ILE A 19 -8.22 -15.52 -13.75
N LEU A 20 -7.97 -15.43 -12.44
CA LEU A 20 -9.08 -15.48 -11.50
C LEU A 20 -10.05 -14.33 -11.74
N LYS A 21 -9.54 -13.11 -11.85
CA LYS A 21 -10.40 -11.95 -12.05
C LYS A 21 -11.14 -12.02 -13.37
N PHE A 22 -10.43 -12.39 -14.44
CA PHE A 22 -11.09 -12.48 -15.75
C PHE A 22 -12.17 -13.55 -15.73
N ALA A 23 -11.87 -14.72 -15.14
CA ALA A 23 -12.86 -15.78 -15.08
C ALA A 23 -14.08 -15.32 -14.29
N ARG A 24 -13.86 -14.70 -13.14
CA ARG A 24 -14.95 -14.24 -12.29
C ARG A 24 -15.82 -13.24 -13.06
N ASP A 25 -15.20 -12.28 -13.74
CA ASP A 25 -15.94 -11.30 -14.54
C ASP A 25 -16.76 -11.95 -15.65
N ASN A 26 -16.45 -13.18 -16.03
CA ASN A 26 -17.14 -13.86 -17.13
C ASN A 26 -17.91 -15.09 -16.65
N ASN A 27 -18.27 -15.12 -15.36
CA ASN A 27 -19.17 -16.14 -14.83
C ASN A 27 -18.58 -17.54 -14.91
N ILE A 28 -17.27 -17.65 -14.75
CA ILE A 28 -16.60 -18.95 -14.70
C ILE A 28 -16.07 -19.11 -13.28
N ASP A 29 -16.45 -20.21 -12.64
CA ASP A 29 -16.13 -20.40 -11.24
C ASP A 29 -14.70 -20.88 -11.08
N ILE A 30 -13.95 -20.16 -10.24
CA ILE A 30 -12.65 -20.60 -9.78
C ILE A 30 -12.64 -20.37 -8.27
N SER A 31 -12.31 -21.41 -7.51
CA SER A 31 -12.28 -21.29 -6.07
C SER A 31 -11.06 -20.51 -5.62
N ALA A 32 -11.14 -19.94 -4.42
CA ALA A 32 -10.01 -19.28 -3.82
C ALA A 32 -10.14 -19.34 -2.31
N LEU A 33 -9.00 -19.23 -1.64
CA LEU A 33 -8.98 -19.16 -0.20
C LEU A 33 -8.07 -18.05 0.29
N CYS A 34 -6.78 -18.11 -0.02
CA CYS A 34 -5.83 -17.14 0.53
C CYS A 34 -5.86 -15.79 -0.20
N PHE A 35 -6.54 -15.71 -1.35
CA PHE A 35 -6.69 -14.45 -2.07
C PHE A 35 -7.82 -13.61 -1.46
N LEU A 36 -7.49 -12.36 -1.10
CA LEU A 36 -8.42 -11.39 -0.53
C LEU A 36 -7.75 -10.01 -0.59
N ASN A 37 -8.54 -8.96 -0.70
CA ASN A 37 -7.97 -7.61 -0.66
C ASN A 37 -6.93 -7.42 -1.78
N ASN A 38 -7.13 -8.09 -2.92
CA ASN A 38 -6.27 -8.04 -4.10
C ASN A 38 -4.84 -8.54 -3.83
N CYS A 39 -4.70 -9.43 -2.85
N CYS A 39 -4.67 -9.43 -2.85
CA CYS A 39 -3.43 -10.04 -2.47
CA CYS A 39 -3.38 -10.05 -2.64
C CYS A 39 -3.65 -11.51 -2.18
C CYS A 39 -3.60 -11.47 -2.12
N ASN A 40 -2.62 -12.31 -2.36
CA ASN A 40 -2.63 -13.69 -1.89
C ASN A 40 -1.47 -13.89 -0.91
N ASN A 41 -1.32 -15.14 -0.48
CA ASN A 41 -0.29 -15.53 0.49
C ASN A 41 0.95 -15.92 -0.32
N ASP A 42 1.89 -14.99 -0.45
CA ASP A 42 2.94 -15.14 -1.45
C ASP A 42 3.89 -16.29 -1.14
N ILE A 43 4.13 -16.55 0.13
CA ILE A 43 4.91 -17.69 0.58
C ILE A 43 3.93 -18.78 1.03
N ASN A 44 4.15 -20.00 0.54
CA ASN A 44 3.27 -21.14 0.83
C ASN A 44 1.81 -20.81 0.43
N LYS A 45 1.68 -20.40 -0.84
CA LYS A 45 0.40 -20.23 -1.51
C LYS A 45 -0.55 -21.40 -1.27
N CYS A 46 -1.82 -21.08 -1.03
CA CYS A 46 -2.81 -22.12 -0.76
C CYS A 46 -3.10 -23.02 -1.96
N GLU A 47 -3.03 -22.51 -3.19
CA GLU A 47 -3.23 -23.25 -4.43
C GLU A 47 -4.67 -23.75 -4.62
N ILE A 48 -5.64 -23.25 -3.84
CA ILE A 48 -7.05 -23.59 -4.05
C ILE A 48 -7.57 -23.05 -5.38
N CYS A 49 -6.92 -22.00 -5.92
CA CYS A 49 -7.29 -21.39 -7.18
C CYS A 49 -6.59 -22.04 -8.38
N THR A 50 -6.13 -23.28 -8.25
CA THR A 50 -5.40 -23.92 -9.32
C THR A 50 -6.25 -24.08 -10.57
N VAL A 51 -5.62 -23.81 -11.73
CA VAL A 51 -6.16 -24.10 -13.05
C VAL A 51 -5.04 -24.74 -13.87
N GLU A 52 -5.39 -25.28 -15.03
CA GLU A 52 -4.42 -25.85 -15.95
C GLU A 52 -4.28 -24.94 -17.16
N VAL A 53 -3.04 -24.60 -17.50
CA VAL A 53 -2.75 -23.80 -18.69
C VAL A 53 -1.98 -24.69 -19.65
N GLU A 54 -2.53 -24.87 -20.86
CA GLU A 54 -1.88 -25.71 -21.84
C GLU A 54 -0.47 -25.21 -22.10
N GLY A 55 0.50 -26.12 -22.04
CA GLY A 55 1.87 -25.79 -22.32
C GLY A 55 2.66 -25.30 -21.13
N THR A 56 2.00 -25.10 -19.99
CA THR A 56 2.65 -24.72 -18.74
C THR A 56 2.40 -25.71 -17.63
N GLY A 57 1.17 -26.18 -17.46
CA GLY A 57 0.80 -27.06 -16.37
C GLY A 57 -0.16 -26.36 -15.42
N LEU A 58 -0.14 -26.84 -14.17
CA LEU A 58 -0.98 -26.26 -13.11
C LEU A 58 -0.41 -24.91 -12.66
N VAL A 59 -1.28 -23.90 -12.58
CA VAL A 59 -0.89 -22.55 -12.17
C VAL A 59 -1.93 -22.04 -11.21
N THR A 60 -1.55 -21.04 -10.41
CA THR A 60 -2.50 -20.42 -9.49
C THR A 60 -3.18 -19.25 -10.20
N ALA A 61 -4.51 -19.35 -10.34
CA ALA A 61 -5.23 -18.37 -11.14
C ALA A 61 -5.22 -16.98 -10.49
N CYS A 62 -5.09 -16.92 -9.16
CA CYS A 62 -5.25 -15.65 -8.46
C CYS A 62 -4.06 -14.71 -8.63
N ASP A 63 -2.91 -15.21 -9.09
CA ASP A 63 -1.74 -14.34 -9.22
C ASP A 63 -1.03 -14.56 -10.54
N THR A 64 -1.73 -15.07 -11.55
CA THR A 64 -1.18 -15.30 -12.88
C THR A 64 -1.96 -14.44 -13.86
N LEU A 65 -1.26 -13.54 -14.55
CA LEU A 65 -1.92 -12.67 -15.52
C LEU A 65 -2.26 -13.44 -16.79
N ILE A 66 -3.38 -13.05 -17.43
CA ILE A 66 -3.74 -13.66 -18.69
C ILE A 66 -2.75 -13.22 -19.76
N GLU A 67 -2.47 -14.10 -20.70
CA GLU A 67 -1.58 -13.84 -21.82
C GLU A 67 -2.25 -14.27 -23.10
N ASP A 68 -2.05 -13.51 -24.18
CA ASP A 68 -2.55 -13.95 -25.47
C ASP A 68 -2.07 -15.37 -25.72
N GLY A 69 -2.97 -16.22 -26.21
CA GLY A 69 -2.64 -17.59 -26.51
C GLY A 69 -2.91 -18.60 -25.42
N MET A 70 -3.30 -18.19 -24.21
CA MET A 70 -3.48 -19.17 -23.17
C MET A 70 -4.71 -20.02 -23.46
N ILE A 71 -4.60 -21.32 -23.18
CA ILE A 71 -5.75 -22.22 -23.19
C ILE A 71 -5.85 -22.81 -21.80
N ILE A 72 -6.96 -22.53 -21.11
CA ILE A 72 -7.10 -22.77 -19.68
C ILE A 72 -8.23 -23.75 -19.44
N ASN A 73 -8.02 -24.67 -18.49
CA ASN A 73 -9.06 -25.56 -18.01
C ASN A 73 -9.17 -25.45 -16.49
N THR A 74 -10.37 -25.13 -16.00
CA THR A 74 -10.59 -24.89 -14.59
C THR A 74 -11.19 -26.07 -13.85
N ASN A 75 -11.61 -27.13 -14.54
CA ASN A 75 -12.42 -28.16 -13.92
C ASN A 75 -12.02 -29.54 -14.42
N SER A 76 -10.76 -29.71 -14.80
CA SER A 76 -10.26 -31.03 -15.14
C SER A 76 -10.03 -31.85 -13.87
N ASP A 77 -9.88 -33.17 -14.07
CA ASP A 77 -9.66 -34.05 -12.93
C ASP A 77 -8.34 -33.72 -12.24
N ALA A 78 -7.29 -33.45 -13.01
CA ALA A 78 -6.02 -33.06 -12.41
C ALA A 78 -6.19 -31.83 -11.53
N VAL A 79 -7.00 -30.87 -11.99
CA VAL A 79 -7.21 -29.64 -11.23
C VAL A 79 -7.95 -29.93 -9.93
N ASN A 80 -9.10 -30.61 -10.03
CA ASN A 80 -9.89 -30.87 -8.83
C ASN A 80 -9.16 -31.78 -7.87
N GLU A 81 -8.35 -32.71 -8.39
CA GLU A 81 -7.55 -33.58 -7.54
C GLU A 81 -6.59 -32.77 -6.69
N LYS A 82 -5.88 -31.82 -7.32
CA LYS A 82 -4.93 -30.98 -6.59
C LYS A 82 -5.63 -30.14 -5.54
N ILE A 83 -6.71 -29.45 -5.93
CA ILE A 83 -7.43 -28.61 -4.98
C ILE A 83 -7.92 -29.43 -3.80
N LYS A 84 -8.53 -30.58 -4.07
CA LYS A 84 -9.00 -31.46 -2.99
C LYS A 84 -7.84 -31.85 -2.08
N SER A 85 -6.69 -32.16 -2.67
CA SER A 85 -5.52 -32.55 -1.89
C SER A 85 -5.08 -31.44 -0.93
N ARG A 86 -5.08 -30.19 -1.38
CA ARG A 86 -4.68 -29.10 -0.50
C ARG A 86 -5.69 -28.89 0.63
N ILE A 87 -6.97 -29.06 0.33
CA ILE A 87 -7.99 -28.96 1.37
C ILE A 87 -7.82 -30.08 2.38
N SER A 88 -7.57 -31.30 1.89
CA SER A 88 -7.30 -32.43 2.78
C SER A 88 -6.12 -32.13 3.72
N GLN A 89 -5.04 -31.55 3.17
CA GLN A 89 -3.87 -31.24 3.99
C GLN A 89 -4.16 -30.16 5.01
N LEU A 90 -5.05 -29.21 4.69
CA LEU A 90 -5.49 -28.24 5.69
C LEU A 90 -6.31 -28.91 6.79
N LEU A 91 -7.16 -29.86 6.41
CA LEU A 91 -7.92 -30.59 7.42
C LEU A 91 -6.99 -31.33 8.38
N ASP A 92 -5.82 -31.75 7.90
CA ASP A 92 -4.86 -32.43 8.77
C ASP A 92 -4.34 -31.55 9.89
N ILE A 93 -4.50 -30.23 9.80
CA ILE A 93 -4.07 -29.31 10.83
C ILE A 93 -5.24 -28.50 11.40
N HIS A 94 -6.46 -29.02 11.28
CA HIS A 94 -7.67 -28.29 11.64
C HIS A 94 -8.56 -29.14 12.53
N GLU A 95 -8.87 -28.64 13.73
CA GLU A 95 -9.86 -29.24 14.63
C GLU A 95 -11.22 -29.05 13.98
N PHE A 96 -11.68 -30.08 13.26
CA PHE A 96 -12.85 -30.01 12.41
C PHE A 96 -14.09 -30.42 13.20
N LYS A 97 -14.48 -29.55 14.14
CA LYS A 97 -15.65 -29.76 15.01
C LYS A 97 -16.53 -28.51 14.92
N CYS A 98 -17.42 -28.51 13.93
CA CYS A 98 -18.20 -27.32 13.61
C CYS A 98 -19.33 -27.07 14.60
N GLY A 99 -19.75 -28.09 15.35
CA GLY A 99 -20.89 -27.98 16.22
C GLY A 99 -20.82 -26.76 17.10
N PRO A 100 -19.84 -26.72 18.00
CA PRO A 100 -19.71 -25.58 18.93
C PRO A 100 -18.93 -24.39 18.38
N CYS A 101 -18.60 -24.38 17.10
CA CYS A 101 -17.70 -23.37 16.56
C CYS A 101 -18.43 -22.09 16.19
N ASN A 102 -17.81 -20.95 16.53
CA ASN A 102 -18.47 -19.66 16.35
C ASN A 102 -18.52 -19.19 14.90
N ARG A 103 -17.96 -19.93 13.93
CA ARG A 103 -18.18 -19.64 12.52
C ARG A 103 -19.03 -20.71 11.83
N ARG A 104 -19.71 -21.57 12.60
CA ARG A 104 -20.45 -22.68 12.03
C ARG A 104 -21.33 -22.27 10.85
N GLU A 105 -22.00 -21.13 10.96
CA GLU A 105 -23.02 -20.74 9.99
C GLU A 105 -22.48 -19.95 8.81
N ASN A 106 -21.23 -19.51 8.84
CA ASN A 106 -20.72 -18.67 7.77
C ASN A 106 -19.22 -18.87 7.61
N CYS A 107 -18.78 -20.11 7.50
CA CYS A 107 -17.36 -20.43 7.41
C CYS A 107 -16.97 -20.68 5.96
N GLU A 108 -15.91 -19.98 5.50
CA GLU A 108 -15.46 -20.17 4.13
C GLU A 108 -14.81 -21.53 3.95
N PHE A 109 -14.08 -22.00 4.96
CA PHE A 109 -13.38 -23.26 4.83
C PHE A 109 -14.37 -24.42 4.77
N LEU A 110 -15.38 -24.41 5.63
CA LEU A 110 -16.41 -25.44 5.59
C LEU A 110 -17.04 -25.55 4.22
N LYS A 111 -17.31 -24.41 3.58
CA LYS A 111 -17.92 -24.42 2.25
C LYS A 111 -17.01 -25.13 1.25
N LEU A 112 -15.70 -24.93 1.37
CA LEU A 112 -14.76 -25.54 0.43
C LEU A 112 -14.63 -27.04 0.70
N VAL A 113 -14.62 -27.42 1.99
CA VAL A 113 -14.60 -28.83 2.35
C VAL A 113 -15.80 -29.53 1.73
N ILE A 114 -16.96 -28.90 1.83
CA ILE A 114 -18.17 -29.50 1.29
C ILE A 114 -18.14 -29.51 -0.23
N LYS A 115 -17.59 -28.44 -0.84
CA LYS A 115 -17.61 -28.33 -2.29
C LYS A 115 -16.73 -29.40 -2.93
N TYR A 116 -15.59 -29.72 -2.31
CA TYR A 116 -14.64 -30.69 -2.85
C TYR A 116 -14.69 -32.04 -2.12
N LYS A 117 -15.64 -32.21 -1.19
CA LYS A 117 -15.79 -33.47 -0.47
C LYS A 117 -14.47 -33.96 0.11
N ALA A 118 -13.69 -33.03 0.64
CA ALA A 118 -12.38 -33.35 1.17
C ALA A 118 -12.48 -33.95 2.56
N ARG A 119 -11.51 -34.79 2.90
CA ARG A 119 -11.40 -35.35 4.24
C ARG A 119 -9.93 -35.42 4.63
N ALA A 120 -9.68 -35.32 5.92
CA ALA A 120 -8.33 -35.37 6.44
C ALA A 120 -7.74 -36.77 6.30
N SER A 121 -6.42 -36.84 6.11
CA SER A 121 -5.73 -38.12 6.15
C SER A 121 -5.64 -38.64 7.58
N LYS A 122 -5.43 -37.74 8.54
CA LYS A 122 -5.37 -38.06 9.96
C LYS A 122 -6.01 -36.91 10.73
N PRO A 123 -7.22 -37.10 11.27
CA PRO A 123 -7.89 -36.01 11.99
C PRO A 123 -7.02 -35.42 13.09
N PHE A 124 -7.13 -34.10 13.23
CA PHE A 124 -6.41 -33.33 14.24
C PHE A 124 -7.30 -33.16 15.45
N LEU A 125 -6.85 -33.69 16.60
CA LEU A 125 -7.64 -33.72 17.84
C LEU A 125 -6.78 -33.23 18.99
N PRO A 126 -6.52 -31.93 19.05
CA PRO A 126 -5.63 -31.41 20.10
C PRO A 126 -6.17 -31.68 21.49
N LYS A 127 -5.26 -32.09 22.38
CA LYS A 127 -5.57 -32.34 23.78
C LYS A 127 -5.23 -31.14 24.65
N ASP A 128 -4.04 -30.60 24.48
CA ASP A 128 -3.61 -29.36 25.11
C ASP A 128 -4.07 -28.17 24.27
N LYS A 129 -5.37 -28.14 23.96
CA LYS A 129 -5.91 -27.02 23.19
C LYS A 129 -5.51 -25.70 23.82
N THR A 130 -5.22 -25.72 25.13
CA THR A 130 -4.55 -24.60 25.79
C THR A 130 -3.37 -24.10 24.96
N GLU A 131 -2.60 -25.04 24.40
CA GLU A 131 -1.39 -24.67 23.66
C GLU A 131 -1.70 -23.80 22.46
N TYR A 132 -2.84 -24.03 21.80
CA TYR A 132 -3.16 -23.37 20.55
C TYR A 132 -3.95 -22.08 20.72
N VAL A 133 -4.36 -21.76 21.95
CA VAL A 133 -5.26 -20.64 22.21
C VAL A 133 -4.52 -19.54 22.95
N ASP A 134 -4.75 -18.28 22.53
CA ASP A 134 -4.20 -17.10 23.20
C ASP A 134 -5.37 -16.17 23.51
N GLU A 135 -5.72 -16.05 24.79
CA GLU A 135 -6.81 -15.20 25.26
C GLU A 135 -6.32 -14.09 26.18
N ARG A 136 -5.03 -13.77 26.14
CA ARG A 136 -4.48 -12.75 27.02
C ARG A 136 -5.01 -11.35 26.72
N SER A 137 -5.32 -11.07 25.46
CA SER A 137 -5.71 -9.72 25.07
C SER A 137 -7.08 -9.38 25.65
N LYS A 138 -7.27 -8.09 25.92
CA LYS A 138 -8.58 -7.56 26.26
C LYS A 138 -9.52 -7.47 25.05
N SER A 139 -9.00 -7.58 23.82
CA SER A 139 -9.80 -7.37 22.62
C SER A 139 -9.82 -8.54 21.64
N LEU A 140 -8.69 -9.24 21.42
CA LEU A 140 -8.60 -10.28 20.42
C LEU A 140 -8.30 -11.63 21.06
N THR A 141 -8.73 -12.70 20.41
CA THR A 141 -8.29 -14.03 20.81
C THR A 141 -7.89 -14.83 19.57
N VAL A 142 -6.91 -15.69 19.76
CA VAL A 142 -6.40 -16.56 18.72
C VAL A 142 -6.72 -18.00 19.10
N ASP A 143 -7.23 -18.78 18.15
CA ASP A 143 -7.38 -20.24 18.26
C ASP A 143 -6.69 -20.92 17.08
N ARG A 144 -5.43 -21.31 17.25
CA ARG A 144 -4.67 -21.88 16.16
C ARG A 144 -5.11 -23.29 15.75
N THR A 145 -6.00 -23.94 16.52
CA THR A 145 -6.50 -25.21 16.05
C THR A 145 -7.38 -25.06 14.81
N LYS A 146 -7.75 -23.81 14.45
CA LYS A 146 -8.56 -23.52 13.28
C LYS A 146 -7.76 -22.84 12.17
N CYS A 147 -6.52 -22.45 12.43
CA CYS A 147 -5.78 -21.57 11.52
C CYS A 147 -5.24 -22.34 10.32
N LEU A 148 -5.54 -21.83 9.13
CA LEU A 148 -5.12 -22.41 7.86
C LEU A 148 -3.80 -21.83 7.35
N LEU A 149 -3.18 -20.91 8.09
CA LEU A 149 -1.93 -20.25 7.67
C LEU A 149 -2.08 -19.62 6.29
N CYS A 150 -3.25 -19.06 6.02
CA CYS A 150 -3.57 -18.46 4.73
C CYS A 150 -3.06 -17.03 4.58
N GLY A 151 -2.62 -16.41 5.65
CA GLY A 151 -2.04 -15.10 5.60
C GLY A 151 -3.01 -13.96 5.41
N ARG A 152 -4.32 -14.21 5.39
CA ARG A 152 -5.24 -13.11 5.08
C ARG A 152 -5.23 -12.06 6.17
N CYS A 153 -5.02 -12.47 7.41
CA CYS A 153 -4.97 -11.52 8.53
C CYS A 153 -3.71 -10.67 8.48
N VAL A 154 -2.59 -11.28 8.11
CA VAL A 154 -1.33 -10.56 7.96
C VAL A 154 -1.44 -9.53 6.83
N ASN A 155 -1.97 -9.95 5.69
CA ASN A 155 -2.16 -9.02 4.58
C ASN A 155 -3.13 -7.90 4.94
N ALA A 156 -4.24 -8.24 5.62
CA ALA A 156 -5.23 -7.23 5.99
C ALA A 156 -4.67 -6.23 6.99
N CYS A 157 -3.87 -6.70 7.95
CA CYS A 157 -3.25 -5.79 8.90
C CYS A 157 -2.33 -4.82 8.18
N GLY A 158 -1.50 -5.33 7.27
CA GLY A 158 -0.59 -4.47 6.54
C GLY A 158 -1.31 -3.43 5.71
N LYS A 159 -2.35 -3.85 5.00
CA LYS A 159 -3.06 -2.92 4.10
C LYS A 159 -3.92 -1.94 4.87
N ASN A 160 -4.62 -2.41 5.90
CA ASN A 160 -5.55 -1.57 6.64
C ASN A 160 -4.86 -0.65 7.63
N THR A 161 -3.74 -1.08 8.22
CA THR A 161 -3.11 -0.30 9.29
C THR A 161 -1.65 0.05 9.02
N GLU A 162 -0.96 -0.72 8.18
CA GLU A 162 0.48 -0.63 7.92
C GLU A 162 1.32 -0.83 9.18
N THR A 163 0.74 -1.40 10.25
CA THR A 163 1.54 -1.69 11.45
C THR A 163 2.29 -3.02 11.33
N TYR A 164 1.76 -3.95 10.53
CA TYR A 164 2.19 -5.36 10.51
C TYR A 164 2.32 -5.92 11.93
N ALA A 165 1.37 -5.56 12.79
CA ALA A 165 1.35 -6.13 14.12
C ALA A 165 0.95 -7.61 14.12
N MET A 166 0.26 -8.08 13.07
CA MET A 166 0.01 -9.49 12.88
C MET A 166 1.08 -10.04 11.96
N LYS A 167 1.76 -11.13 12.38
CA LYS A 167 2.95 -11.63 11.70
C LYS A 167 2.94 -13.15 11.61
N PHE A 168 3.66 -13.66 10.62
CA PHE A 168 4.10 -15.05 10.66
C PHE A 168 5.28 -15.17 11.62
N LEU A 169 5.26 -16.22 12.44
CA LEU A 169 6.28 -16.46 13.44
C LEU A 169 6.76 -17.89 13.31
N ASN A 170 8.04 -18.10 13.63
CA ASN A 170 8.65 -19.43 13.74
C ASN A 170 8.68 -19.78 15.21
N LYS A 171 7.84 -20.73 15.62
CA LYS A 171 7.67 -21.10 17.03
C LYS A 171 8.13 -22.54 17.17
N ASN A 172 9.30 -22.72 17.79
CA ASN A 172 9.85 -24.07 18.02
C ASN A 172 9.83 -24.87 16.72
N GLY A 173 10.12 -24.19 15.61
CA GLY A 173 10.19 -24.82 14.31
C GLY A 173 8.88 -25.07 13.59
N LYS A 174 7.78 -24.46 14.03
CA LYS A 174 6.52 -24.55 13.31
C LYS A 174 6.01 -23.13 13.05
N THR A 175 5.33 -22.97 11.91
CA THR A 175 4.84 -21.65 11.54
C THR A 175 3.48 -21.38 12.20
N ILE A 176 3.37 -20.22 12.83
CA ILE A 176 2.13 -19.73 13.39
C ILE A 176 1.95 -18.28 12.96
N ILE A 177 0.77 -17.74 13.24
CA ILE A 177 0.59 -16.29 13.20
C ILE A 177 0.42 -15.82 14.64
N GLY A 178 0.80 -14.57 14.85
CA GLY A 178 0.67 -13.94 16.16
C GLY A 178 1.28 -12.57 16.15
N ALA A 179 1.43 -12.03 17.36
CA ALA A 179 2.02 -10.72 17.54
C ALA A 179 3.54 -10.83 17.62
N GLU A 180 4.19 -9.67 17.54
CA GLU A 180 5.63 -9.61 17.66
C GLU A 180 6.13 -10.37 18.89
N ASP A 181 7.09 -11.27 18.65
CA ASP A 181 7.72 -12.08 19.70
C ASP A 181 6.70 -12.92 20.48
N GLU A 182 5.57 -13.24 19.84
CA GLU A 182 4.48 -14.01 20.46
C GLU A 182 4.00 -13.36 21.75
N LYS A 183 4.15 -12.04 21.86
CA LYS A 183 3.61 -11.29 22.99
C LYS A 183 2.08 -11.21 22.92
N CYS A 184 1.47 -10.81 24.04
CA CYS A 184 0.08 -10.41 23.96
C CYS A 184 -0.04 -9.20 23.02
N PHE A 185 -1.05 -9.25 22.13
CA PHE A 185 -1.23 -8.14 21.18
C PHE A 185 -1.26 -6.79 21.89
N ASP A 186 -1.86 -6.74 23.09
CA ASP A 186 -2.04 -5.46 23.74
C ASP A 186 -0.71 -4.81 24.12
N ASP A 187 0.35 -5.61 24.25
CA ASP A 187 1.67 -5.12 24.64
C ASP A 187 2.55 -4.82 23.43
N THR A 188 1.98 -4.78 22.23
CA THR A 188 2.69 -4.46 21.01
C THR A 188 2.07 -3.20 20.40
N ASN A 189 2.53 -2.84 19.20
CA ASN A 189 1.97 -1.68 18.51
C ASN A 189 0.58 -1.93 17.92
N CYS A 190 0.05 -3.15 18.03
CA CYS A 190 -1.30 -3.46 17.58
C CYS A 190 -2.33 -2.42 18.03
N LEU A 191 -3.23 -2.06 17.12
CA LEU A 191 -4.30 -1.12 17.41
C LEU A 191 -5.53 -1.78 18.02
N LEU A 192 -5.60 -3.11 18.05
CA LEU A 192 -6.74 -3.87 18.56
C LEU A 192 -8.02 -3.62 17.73
N CYS A 193 -7.82 -3.20 16.47
CA CYS A 193 -8.91 -2.83 15.57
C CYS A 193 -9.67 -4.03 15.00
N GLY A 194 -9.11 -5.23 15.06
CA GLY A 194 -9.82 -6.41 14.60
C GLY A 194 -10.02 -6.58 13.11
N GLN A 195 -9.34 -5.81 12.26
CA GLN A 195 -9.47 -6.04 10.83
C GLN A 195 -8.94 -7.41 10.44
N CYS A 196 -8.00 -7.92 11.23
CA CYS A 196 -7.50 -9.28 11.01
C CYS A 196 -8.60 -10.30 11.22
N ILE A 197 -9.48 -10.09 12.20
CA ILE A 197 -10.62 -10.97 12.39
C ILE A 197 -11.55 -10.93 11.17
N ILE A 198 -11.87 -9.72 10.70
CA ILE A 198 -12.78 -9.58 9.56
C ILE A 198 -12.24 -10.33 8.34
N ALA A 199 -10.91 -10.37 8.19
CA ALA A 199 -10.27 -11.02 7.06
C ALA A 199 -10.19 -12.53 7.19
N CYS A 200 -10.44 -13.08 8.35
CA CYS A 200 -10.16 -14.50 8.59
C CYS A 200 -11.33 -15.36 8.10
N PRO A 201 -11.07 -16.39 7.31
CA PRO A 201 -12.15 -17.20 6.74
C PRO A 201 -12.70 -18.26 7.67
N VAL A 202 -12.13 -18.40 8.87
CA VAL A 202 -12.48 -19.45 9.82
C VAL A 202 -12.52 -18.83 11.22
N ALA A 203 -12.63 -19.68 12.24
CA ALA A 203 -12.75 -19.24 13.63
C ALA A 203 -11.42 -19.15 14.35
N ALA A 204 -10.32 -18.92 13.60
CA ALA A 204 -9.01 -18.83 14.22
C ALA A 204 -8.77 -17.49 14.92
N LEU A 205 -9.46 -16.43 14.50
CA LEU A 205 -9.40 -15.15 15.17
C LEU A 205 -10.82 -14.77 15.59
N SER A 206 -10.94 -14.25 16.81
CA SER A 206 -12.22 -13.89 17.38
C SER A 206 -12.02 -12.67 18.27
N GLU A 207 -13.12 -12.07 18.67
CA GLU A 207 -13.10 -11.09 19.74
C GLU A 207 -12.93 -11.76 21.10
N LYS A 208 -12.32 -11.04 22.04
CA LYS A 208 -12.29 -11.45 23.44
C LYS A 208 -13.71 -11.40 23.99
N SER A 209 -14.22 -12.54 24.43
CA SER A 209 -15.64 -12.62 24.80
C SER A 209 -15.90 -11.88 26.09
N HIS A 210 -16.98 -11.09 26.09
CA HIS A 210 -17.57 -10.54 27.31
C HIS A 210 -18.92 -11.16 27.62
N MET A 211 -19.28 -12.25 26.94
CA MET A 211 -20.66 -12.74 27.08
C MET A 211 -20.90 -13.26 28.50
N ASP A 212 -19.88 -13.83 29.14
CA ASP A 212 -20.09 -14.31 30.51
C ASP A 212 -20.24 -13.15 31.50
N ARG A 213 -19.44 -12.08 31.34
CA ARG A 213 -19.66 -10.89 32.15
C ARG A 213 -21.11 -10.46 32.10
N VAL A 214 -21.67 -10.45 30.89
CA VAL A 214 -23.02 -9.93 30.69
C VAL A 214 -24.04 -10.88 31.31
N LYS A 215 -23.94 -12.17 31.01
CA LYS A 215 -24.92 -13.12 31.54
C LYS A 215 -24.87 -13.15 33.06
N ASN A 216 -23.67 -13.07 33.64
CA ASN A 216 -23.57 -13.09 35.09
C ASN A 216 -24.27 -11.88 35.70
N ALA A 217 -24.12 -10.72 35.08
CA ALA A 217 -24.77 -9.52 35.58
C ALA A 217 -26.29 -9.60 35.41
N LEU A 218 -26.76 -10.05 34.24
CA LEU A 218 -28.20 -10.22 34.04
C LEU A 218 -28.81 -11.12 35.10
N ASN A 219 -28.11 -12.19 35.46
CA ASN A 219 -28.63 -13.16 36.41
C ASN A 219 -28.40 -12.77 37.88
N ALA A 220 -27.51 -11.83 38.16
CA ALA A 220 -27.30 -11.41 39.54
C ALA A 220 -28.53 -10.65 40.02
N PRO A 221 -29.13 -11.04 41.15
CA PRO A 221 -30.40 -10.40 41.51
C PRO A 221 -30.32 -8.90 41.72
N GLU A 222 -29.22 -8.40 42.29
CA GLU A 222 -29.12 -7.00 42.69
C GLU A 222 -28.55 -6.11 41.60
N LYS A 223 -28.06 -6.66 40.49
CA LYS A 223 -27.53 -5.81 39.43
C LYS A 223 -28.65 -5.30 38.55
N HIS A 224 -28.57 -4.01 38.19
CA HIS A 224 -29.45 -3.35 37.24
C HIS A 224 -28.63 -3.15 35.98
N VAL A 225 -28.93 -3.90 34.93
CA VAL A 225 -28.07 -3.98 33.75
C VAL A 225 -28.63 -3.04 32.68
N ILE A 226 -27.87 -1.98 32.38
CA ILE A 226 -28.13 -1.07 31.28
C ILE A 226 -27.48 -1.65 30.03
N VAL A 227 -28.16 -1.55 28.88
CA VAL A 227 -27.52 -1.84 27.61
C VAL A 227 -27.72 -0.65 26.66
N ALA A 228 -26.69 -0.36 25.88
CA ALA A 228 -26.71 0.74 24.93
C ALA A 228 -25.91 0.34 23.68
N MET A 229 -26.52 0.43 22.50
CA MET A 229 -25.80 0.05 21.29
C MET A 229 -25.20 1.23 20.55
N ALA A 230 -24.09 0.95 19.87
CA ALA A 230 -23.42 1.90 18.99
C ALA A 230 -24.26 2.27 17.79
N PRO A 231 -23.94 3.41 17.14
CA PRO A 231 -24.63 3.75 15.90
C PRO A 231 -24.69 2.60 14.90
N SER A 232 -23.56 1.92 14.66
CA SER A 232 -23.47 1.00 13.52
C SER A 232 -24.25 -0.29 13.71
N VAL A 233 -24.59 -0.66 14.94
CA VAL A 233 -25.22 -1.96 15.18
C VAL A 233 -26.55 -2.05 14.45
N ARG A 234 -27.33 -0.96 14.47
CA ARG A 234 -28.68 -0.98 13.90
C ARG A 234 -28.67 -1.03 12.39
N ALA A 235 -27.51 -0.80 11.77
CA ALA A 235 -27.34 -0.87 10.32
C ALA A 235 -26.74 -2.18 9.85
N SER A 236 -26.47 -3.12 10.76
N SER A 236 -26.47 -3.12 10.75
CA SER A 236 -25.60 -4.24 10.44
CA SER A 236 -25.66 -4.27 10.38
C SER A 236 -26.09 -5.60 10.94
C SER A 236 -26.13 -5.61 10.92
N ILE A 237 -26.65 -5.65 12.14
CA ILE A 237 -26.88 -6.94 12.78
C ILE A 237 -27.91 -7.78 12.02
N GLY A 238 -28.80 -7.16 11.24
CA GLY A 238 -29.77 -7.93 10.48
C GLY A 238 -29.14 -8.85 9.46
N GLU A 239 -27.92 -8.54 9.02
CA GLU A 239 -27.22 -9.41 8.09
C GLU A 239 -27.10 -10.83 8.65
N LEU A 240 -26.93 -10.96 9.95
CA LEU A 240 -26.71 -12.28 10.57
C LEU A 240 -28.00 -13.04 10.81
N PHE A 241 -29.14 -12.45 10.48
CA PHE A 241 -30.44 -13.11 10.56
C PHE A 241 -31.06 -13.24 9.17
N ASN A 242 -30.21 -13.24 8.14
CA ASN A 242 -30.63 -13.48 6.77
C ASN A 242 -31.61 -12.41 6.27
N MET A 243 -31.52 -11.20 6.82
CA MET A 243 -32.43 -10.13 6.40
C MET A 243 -31.89 -9.29 5.25
N GLY A 244 -30.66 -9.54 4.81
CA GLY A 244 -30.05 -8.74 3.77
C GLY A 244 -29.21 -7.61 4.32
N PHE A 245 -28.73 -6.78 3.39
CA PHE A 245 -27.80 -5.70 3.68
C PHE A 245 -28.52 -4.36 3.65
N GLY A 246 -28.05 -3.43 4.48
CA GLY A 246 -28.63 -2.10 4.51
C GLY A 246 -29.98 -1.97 5.16
N VAL A 247 -30.34 -2.89 6.06
CA VAL A 247 -31.64 -2.90 6.70
C VAL A 247 -31.55 -2.23 8.07
N ASP A 248 -32.42 -1.25 8.30
CA ASP A 248 -32.51 -0.57 9.59
C ASP A 248 -33.33 -1.42 10.54
N VAL A 249 -32.69 -1.98 11.57
CA VAL A 249 -33.37 -2.86 12.52
C VAL A 249 -33.35 -2.32 13.94
N THR A 250 -33.31 -0.98 14.06
CA THR A 250 -33.25 -0.33 15.37
C THR A 250 -34.32 -0.87 16.31
N GLY A 251 -35.59 -0.83 15.87
CA GLY A 251 -36.68 -1.20 16.75
C GLY A 251 -36.67 -2.66 17.16
N LYS A 252 -36.27 -3.54 16.25
CA LYS A 252 -36.15 -4.96 16.58
C LYS A 252 -35.06 -5.18 17.63
N ILE A 253 -33.96 -4.42 17.56
CA ILE A 253 -32.91 -4.57 18.54
C ILE A 253 -33.42 -4.22 19.93
N TYR A 254 -34.11 -3.09 20.05
CA TYR A 254 -34.64 -2.69 21.34
C TYR A 254 -35.53 -3.79 21.93
N THR A 255 -36.38 -4.41 21.09
CA THR A 255 -37.23 -5.48 21.58
C THR A 255 -36.41 -6.70 22.01
N ALA A 256 -35.45 -7.10 21.17
CA ALA A 256 -34.62 -8.25 21.50
C ALA A 256 -33.89 -8.05 22.80
N LEU A 257 -33.39 -6.84 23.04
CA LEU A 257 -32.64 -6.58 24.25
C LEU A 257 -33.54 -6.69 25.48
N ARG A 258 -34.79 -6.25 25.36
CA ARG A 258 -35.73 -6.46 26.45
C ARG A 258 -35.99 -7.94 26.66
N GLN A 259 -36.12 -8.70 25.58
CA GLN A 259 -36.37 -10.13 25.72
C GLN A 259 -35.19 -10.87 26.31
N LEU A 260 -33.98 -10.33 26.16
CA LEU A 260 -32.80 -10.92 26.79
C LEU A 260 -32.71 -10.64 28.29
N GLY A 261 -33.54 -9.74 28.84
CA GLY A 261 -33.57 -9.51 30.26
C GLY A 261 -32.88 -8.24 30.73
N PHE A 262 -32.35 -7.43 29.82
CA PHE A 262 -31.74 -6.17 30.22
C PHE A 262 -32.77 -5.28 30.92
N ASP A 263 -32.30 -4.52 31.90
CA ASP A 263 -33.18 -3.77 32.80
C ASP A 263 -33.46 -2.36 32.31
N LYS A 264 -32.61 -1.83 31.43
CA LYS A 264 -32.82 -0.50 30.87
C LYS A 264 -32.21 -0.45 29.48
N ILE A 265 -32.97 0.07 28.52
CA ILE A 265 -32.59 0.10 27.12
C ILE A 265 -32.25 1.55 26.77
N PHE A 266 -30.97 1.86 26.69
CA PHE A 266 -30.53 3.19 26.30
C PHE A 266 -29.83 3.08 24.93
N ASP A 267 -29.05 4.10 24.57
CA ASP A 267 -28.44 4.11 23.23
C ASP A 267 -27.16 4.93 23.25
N ILE A 268 -26.08 4.39 22.67
CA ILE A 268 -24.81 5.13 22.69
C ILE A 268 -24.89 6.36 21.81
N ASN A 269 -25.86 6.44 20.89
CA ASN A 269 -26.04 7.67 20.13
C ASN A 269 -26.37 8.85 21.05
N PHE A 270 -27.00 8.59 22.20
CA PHE A 270 -27.12 9.62 23.23
C PHE A 270 -25.74 10.06 23.72
N GLY A 271 -24.86 9.09 23.94
CA GLY A 271 -23.47 9.41 24.25
C GLY A 271 -22.77 10.15 23.13
N ALA A 272 -23.12 9.85 21.87
CA ALA A 272 -22.52 10.60 20.77
C ALA A 272 -22.92 12.06 20.85
N ASP A 273 -24.20 12.32 21.14
CA ASP A 273 -24.61 13.72 21.31
C ASP A 273 -23.86 14.37 22.47
N MET A 274 -23.60 13.61 23.56
CA MET A 274 -22.82 14.17 24.66
C MET A 274 -21.39 14.49 24.23
N THR A 275 -20.76 13.57 23.50
CA THR A 275 -19.40 13.84 23.04
C THR A 275 -19.35 15.11 22.21
N ILE A 276 -20.35 15.32 21.34
CA ILE A 276 -20.40 16.55 20.54
C ILE A 276 -20.55 17.77 21.46
N MET A 277 -21.43 17.70 22.46
CA MET A 277 -21.55 18.84 23.37
C MET A 277 -20.20 19.26 23.93
N GLU A 278 -19.43 18.29 24.43
CA GLU A 278 -18.14 18.61 25.02
C GLU A 278 -17.13 19.01 23.96
N GLU A 279 -17.04 18.24 22.88
CA GLU A 279 -15.95 18.43 21.92
C GLU A 279 -16.17 19.67 21.06
N ALA A 280 -17.41 19.95 20.68
CA ALA A 280 -17.68 21.16 19.90
C ALA A 280 -17.47 22.40 20.75
N THR A 281 -17.83 22.34 22.03
CA THR A 281 -17.48 23.41 22.95
C THR A 281 -15.97 23.59 23.04
N GLU A 282 -15.22 22.47 23.15
CA GLU A 282 -13.76 22.53 23.20
C GLU A 282 -13.19 23.16 21.94
N LEU A 283 -13.75 22.84 20.77
CA LEU A 283 -13.26 23.42 19.52
C LEU A 283 -13.43 24.92 19.51
N VAL A 284 -14.58 25.41 19.99
CA VAL A 284 -14.81 26.86 20.06
C VAL A 284 -13.84 27.50 21.03
N GLN A 285 -13.60 26.87 22.18
CA GLN A 285 -12.58 27.36 23.11
C GLN A 285 -11.22 27.47 22.42
N ARG A 286 -10.81 26.41 21.74
CA ARG A 286 -9.49 26.41 21.11
C ARG A 286 -9.41 27.49 20.03
N ILE A 287 -10.51 27.77 19.34
CA ILE A 287 -10.51 28.86 18.37
C ILE A 287 -10.33 30.19 19.07
N GLU A 288 -11.05 30.40 20.19
CA GLU A 288 -10.95 31.67 20.91
C GLU A 288 -9.56 31.87 21.51
N ASN A 289 -8.89 30.78 21.92
CA ASN A 289 -7.53 30.84 22.44
C ASN A 289 -6.47 30.55 21.38
N ASN A 290 -6.84 30.54 20.10
CA ASN A 290 -5.91 30.27 19.00
C ASN A 290 -5.13 28.99 19.23
N GLY A 291 -5.81 27.93 19.67
CA GLY A 291 -5.19 26.63 19.80
C GLY A 291 -5.40 25.96 21.13
N PRO A 292 -4.70 24.83 21.36
CA PRO A 292 -3.73 24.28 20.40
C PRO A 292 -4.33 23.58 19.18
N PHE A 293 -3.65 23.69 18.02
CA PHE A 293 -4.12 23.10 16.78
C PHE A 293 -3.07 22.15 16.22
N PRO A 294 -3.49 21.10 15.47
CA PRO A 294 -4.88 20.70 15.25
C PRO A 294 -5.45 20.02 16.48
N MET A 295 -6.75 20.13 16.69
CA MET A 295 -7.43 19.23 17.62
C MET A 295 -7.81 17.98 16.86
N PHE A 296 -7.52 16.81 17.45
CA PHE A 296 -7.89 15.52 16.87
C PHE A 296 -9.05 14.93 17.66
N THR A 297 -9.93 14.19 16.97
CA THR A 297 -10.94 13.40 17.66
C THR A 297 -10.25 12.36 18.54
N SER A 298 -10.95 11.92 19.59
CA SER A 298 -10.40 11.00 20.58
C SER A 298 -11.32 9.80 20.83
N CYS A 299 -12.30 9.57 19.96
CA CYS A 299 -13.37 8.61 20.18
C CYS A 299 -13.08 7.23 19.62
N CYS A 300 -12.08 7.09 18.76
CA CYS A 300 -11.73 5.81 18.17
C CYS A 300 -10.55 5.24 18.94
N PRO A 301 -10.74 4.15 19.70
CA PRO A 301 -9.61 3.62 20.50
C PRO A 301 -8.53 2.98 19.67
N GLY A 302 -8.82 2.53 18.44
CA GLY A 302 -7.74 2.12 17.54
C GLY A 302 -6.81 3.27 17.22
N TRP A 303 -7.39 4.45 16.91
CA TRP A 303 -6.58 5.63 16.65
C TRP A 303 -5.87 6.09 17.92
N VAL A 304 -6.52 6.01 19.09
CA VAL A 304 -5.82 6.42 20.30
C VAL A 304 -4.58 5.55 20.51
N ARG A 305 -4.71 4.23 20.34
CA ARG A 305 -3.55 3.35 20.44
C ARG A 305 -2.52 3.69 19.36
N GLN A 306 -2.96 4.05 18.16
CA GLN A 306 -2.00 4.44 17.12
C GLN A 306 -1.20 5.66 17.56
N ALA A 307 -1.88 6.68 18.09
CA ALA A 307 -1.18 7.84 18.62
C ALA A 307 -0.25 7.45 19.76
N GLU A 308 -0.74 6.64 20.71
CA GLU A 308 0.10 6.24 21.83
C GLU A 308 1.35 5.53 21.35
N ASN A 309 1.23 4.68 20.34
CA ASN A 309 2.34 3.82 19.93
C ASN A 309 3.24 4.45 18.88
N TYR A 310 2.73 5.40 18.09
CA TYR A 310 3.52 5.95 17.00
C TYR A 310 3.63 7.47 16.97
N TYR A 311 2.67 8.19 17.57
CA TYR A 311 2.66 9.65 17.56
C TYR A 311 2.29 10.19 18.94
N PRO A 312 3.03 9.80 19.98
CA PRO A 312 2.66 10.25 21.33
C PRO A 312 2.67 11.77 21.48
N GLU A 313 3.42 12.47 20.65
CA GLU A 313 3.44 13.94 20.67
C GLU A 313 2.08 14.54 20.31
N LEU A 314 1.17 13.76 19.76
CA LEU A 314 -0.15 14.25 19.42
C LEU A 314 -1.17 14.01 20.53
N LEU A 315 -0.82 13.25 21.56
CA LEU A 315 -1.80 12.92 22.58
C LEU A 315 -2.38 14.18 23.22
N ASN A 316 -1.57 15.22 23.39
CA ASN A 316 -2.07 16.44 24.01
C ASN A 316 -2.96 17.23 23.08
N ASN A 317 -2.95 16.92 21.78
CA ASN A 317 -3.83 17.58 20.82
C ASN A 317 -5.18 16.89 20.71
N LEU A 318 -5.33 15.69 21.25
CA LEU A 318 -6.61 15.00 21.22
C LEU A 318 -7.63 15.76 22.05
N SER A 319 -8.87 15.78 21.56
CA SER A 319 -9.98 16.31 22.37
C SER A 319 -10.04 15.60 23.71
N SER A 320 -10.29 16.37 24.77
CA SER A 320 -10.42 15.79 26.09
C SER A 320 -11.76 15.11 26.31
N ALA A 321 -12.72 15.29 25.41
CA ALA A 321 -14.01 14.64 25.58
C ALA A 321 -13.84 13.14 25.58
N LYS A 322 -14.55 12.45 26.48
CA LYS A 322 -14.59 11.00 26.42
C LYS A 322 -15.32 10.56 25.16
N SER A 323 -15.03 9.36 24.73
CA SER A 323 -15.76 8.76 23.62
C SER A 323 -17.21 8.55 24.01
N PRO A 324 -18.10 8.47 23.02
CA PRO A 324 -19.52 8.18 23.34
C PRO A 324 -19.69 7.02 24.30
N GLN A 325 -18.94 5.94 24.11
CA GLN A 325 -19.04 4.81 25.02
C GLN A 325 -18.69 5.21 26.45
N GLN A 326 -17.53 5.83 26.64
CA GLN A 326 -17.05 6.10 27.98
C GLN A 326 -17.78 7.29 28.61
N ILE A 327 -18.20 8.26 27.80
CA ILE A 327 -18.92 9.42 28.33
C ILE A 327 -20.31 8.99 28.79
N PHE A 328 -20.97 8.13 28.00
CA PHE A 328 -22.22 7.50 28.39
C PHE A 328 -22.04 6.72 29.68
N GLY A 329 -21.01 5.88 29.72
CA GLY A 329 -20.76 5.08 30.90
C GLY A 329 -20.59 5.91 32.15
N THR A 330 -19.80 6.99 32.06
CA THR A 330 -19.59 7.86 33.21
C THR A 330 -20.92 8.41 33.72
N ALA A 331 -21.77 8.87 32.79
CA ALA A 331 -23.07 9.41 33.17
C ALA A 331 -23.98 8.31 33.72
N SER A 332 -23.81 7.06 33.28
CA SER A 332 -24.65 5.97 33.73
C SER A 332 -24.43 5.65 35.20
N LYS A 333 -23.28 6.04 35.76
CA LYS A 333 -22.96 5.79 37.17
C LYS A 333 -23.16 7.02 38.05
N THR A 334 -23.49 8.16 37.45
CA THR A 334 -23.61 9.41 38.19
C THR A 334 -24.99 10.01 37.96
N TYR A 335 -25.25 10.54 36.77
CA TYR A 335 -26.54 11.13 36.44
C TYR A 335 -27.66 10.11 36.56
N TYR A 336 -27.48 8.92 36.01
CA TYR A 336 -28.60 7.99 35.97
C TYR A 336 -29.06 7.59 37.36
N PRO A 337 -28.19 7.23 38.31
CA PRO A 337 -28.69 7.04 39.69
C PRO A 337 -29.45 8.24 40.21
N SER A 338 -29.03 9.46 39.83
CA SER A 338 -29.66 10.66 40.36
C SER A 338 -31.09 10.82 39.87
N ILE A 339 -31.47 10.18 38.76
CA ILE A 339 -32.83 10.29 38.25
C ILE A 339 -33.61 8.99 38.39
N SER A 340 -33.08 8.02 39.12
CA SER A 340 -33.68 6.68 39.20
C SER A 340 -33.70 6.09 40.61
N GLY A 341 -32.81 6.50 41.50
CA GLY A 341 -32.71 5.93 42.83
C GLY A 341 -31.88 4.68 42.92
N LEU A 342 -31.33 4.19 41.80
CA LEU A 342 -30.46 3.03 41.85
C LEU A 342 -29.21 3.35 42.68
N ASP A 343 -28.78 2.41 43.49
CA ASP A 343 -27.46 2.48 44.10
C ASP A 343 -26.43 2.42 42.97
N PRO A 344 -25.56 3.43 42.80
CA PRO A 344 -24.58 3.38 41.69
C PRO A 344 -23.79 2.11 41.64
N LYS A 345 -23.45 1.51 42.79
CA LYS A 345 -22.67 0.29 42.78
C LYS A 345 -23.42 -0.86 42.12
N ASN A 346 -24.75 -0.79 42.05
CA ASN A 346 -25.52 -1.89 41.48
C ASN A 346 -25.82 -1.71 39.99
N VAL A 347 -25.44 -0.58 39.41
CA VAL A 347 -25.62 -0.37 37.97
C VAL A 347 -24.49 -1.10 37.24
N PHE A 348 -24.85 -1.87 36.22
CA PHE A 348 -23.88 -2.59 35.39
C PHE A 348 -24.14 -2.16 33.96
N THR A 349 -23.13 -1.52 33.32
CA THR A 349 -23.38 -0.84 32.07
C THR A 349 -22.70 -1.60 30.94
N VAL A 350 -23.50 -2.05 29.98
CA VAL A 350 -23.07 -2.87 28.85
C VAL A 350 -23.26 -2.06 27.56
N THR A 351 -22.24 -2.07 26.70
CA THR A 351 -22.45 -1.53 25.35
C THR A 351 -22.38 -2.64 24.32
N VAL A 352 -23.03 -2.41 23.18
CA VAL A 352 -22.92 -3.26 21.99
C VAL A 352 -22.18 -2.44 20.95
N MET A 353 -21.03 -2.95 20.48
N MET A 353 -21.05 -2.96 20.47
CA MET A 353 -20.14 -2.21 19.62
CA MET A 353 -20.20 -2.18 19.59
C MET A 353 -19.79 -2.96 18.35
C MET A 353 -19.84 -2.94 18.33
N PRO A 354 -19.53 -2.23 17.25
CA PRO A 354 -19.05 -2.88 16.03
C PRO A 354 -17.55 -3.15 16.08
N CYS A 355 -16.98 -3.17 17.29
CA CYS A 355 -15.57 -2.88 17.50
C CYS A 355 -14.97 -3.76 18.58
N THR A 356 -13.76 -4.26 18.31
CA THR A 356 -13.00 -4.99 19.31
C THR A 356 -12.17 -4.09 20.21
N SER A 357 -11.68 -2.96 19.65
CA SER A 357 -10.82 -2.05 20.41
C SER A 357 -11.58 -1.40 21.54
N LYS A 358 -12.90 -1.29 21.42
CA LYS A 358 -13.71 -0.74 22.50
C LYS A 358 -13.64 -1.56 23.78
N LYS A 359 -13.35 -2.86 23.69
CA LYS A 359 -13.16 -3.64 24.92
C LYS A 359 -11.93 -3.20 25.68
N PHE A 360 -10.82 -2.92 24.97
CA PHE A 360 -9.64 -2.38 25.62
C PHE A 360 -9.93 -1.02 26.26
N GLU A 361 -10.63 -0.15 25.53
CA GLU A 361 -10.95 1.17 26.07
C GLU A 361 -11.74 1.05 27.37
N ALA A 362 -12.72 0.17 27.40
CA ALA A 362 -13.56 0.04 28.58
C ALA A 362 -12.81 -0.52 29.78
N ASP A 363 -11.72 -1.25 29.54
CA ASP A 363 -10.96 -1.87 30.61
C ASP A 363 -9.71 -1.09 30.97
N ARG A 364 -9.55 0.14 30.45
CA ARG A 364 -8.43 0.99 30.84
C ARG A 364 -8.54 1.29 32.34
N PRO A 365 -7.45 1.14 33.10
CA PRO A 365 -7.57 1.26 34.57
C PRO A 365 -8.26 2.54 35.03
N GLN A 366 -7.97 3.69 34.44
CA GLN A 366 -8.51 4.95 34.94
C GLN A 366 -9.87 5.33 34.36
N MET A 367 -10.49 4.47 33.55
CA MET A 367 -11.84 4.69 33.06
C MET A 367 -12.85 4.26 34.13
N GLU A 368 -12.80 4.93 35.28
CA GLU A 368 -13.65 4.64 36.43
C GLU A 368 -13.58 5.83 37.38
N LYS A 369 -14.50 5.86 38.33
CA LYS A 369 -14.57 6.93 39.31
C LYS A 369 -15.18 6.34 40.57
N ASP A 370 -14.59 6.66 41.72
CA ASP A 370 -15.10 6.19 43.01
C ASP A 370 -15.33 4.67 42.98
N GLY A 371 -14.43 3.96 42.32
CA GLY A 371 -14.48 2.52 42.24
C GLY A 371 -15.50 1.96 41.25
N LEU A 372 -16.18 2.82 40.51
CA LEU A 372 -17.23 2.38 39.59
C LEU A 372 -16.70 2.54 38.16
N ARG A 373 -16.64 1.43 37.43
CA ARG A 373 -16.24 1.49 36.03
C ARG A 373 -17.23 2.32 35.23
N ASP A 374 -16.73 3.11 34.28
CA ASP A 374 -17.64 3.76 33.33
C ASP A 374 -18.49 2.71 32.62
N ILE A 375 -17.83 1.65 32.14
CA ILE A 375 -18.42 0.62 31.29
C ILE A 375 -17.94 -0.72 31.84
N ASP A 376 -18.88 -1.61 32.17
CA ASP A 376 -18.55 -2.88 32.78
C ASP A 376 -18.39 -4.03 31.79
N ALA A 377 -19.00 -3.93 30.61
CA ALA A 377 -18.83 -4.96 29.59
C ALA A 377 -19.14 -4.37 28.23
N VAL A 378 -18.47 -4.91 27.21
CA VAL A 378 -18.67 -4.53 25.81
C VAL A 378 -18.82 -5.81 25.02
N ILE A 379 -19.94 -5.97 24.32
CA ILE A 379 -20.14 -7.09 23.41
C ILE A 379 -20.18 -6.58 21.97
N THR A 380 -19.60 -7.34 21.06
CA THR A 380 -19.62 -6.94 19.66
C THR A 380 -20.98 -7.22 19.04
N THR A 381 -21.18 -6.67 17.83
CA THR A 381 -22.36 -7.01 17.04
C THR A 381 -22.51 -8.51 16.90
N ARG A 382 -21.41 -9.21 16.62
CA ARG A 382 -21.46 -10.67 16.49
C ARG A 382 -21.89 -11.32 17.81
N GLU A 383 -21.36 -10.86 18.93
CA GLU A 383 -21.71 -11.43 20.23
C GLU A 383 -23.19 -11.23 20.55
N LEU A 384 -23.73 -10.04 20.27
CA LEU A 384 -25.16 -9.85 20.50
C LEU A 384 -25.97 -10.80 19.62
N ALA A 385 -25.60 -10.92 18.35
CA ALA A 385 -26.32 -11.86 17.48
C ALA A 385 -26.31 -13.27 18.07
N LYS A 386 -25.16 -13.71 18.58
CA LYS A 386 -25.12 -15.04 19.19
C LYS A 386 -26.03 -15.12 20.41
N MET A 387 -26.03 -14.08 21.26
CA MET A 387 -26.91 -14.12 22.42
C MET A 387 -28.37 -14.25 22.01
N ILE A 388 -28.76 -13.49 20.98
CA ILE A 388 -30.15 -13.55 20.49
C ILE A 388 -30.47 -14.95 20.00
N LYS A 389 -29.57 -15.53 19.20
CA LYS A 389 -29.80 -16.87 18.66
C LYS A 389 -29.81 -17.93 19.76
N ASP A 390 -28.92 -17.81 20.75
CA ASP A 390 -28.89 -18.79 21.83
C ASP A 390 -30.18 -18.77 22.64
N ALA A 391 -30.83 -17.62 22.72
CA ALA A 391 -32.07 -17.48 23.46
C ALA A 391 -33.29 -17.80 22.61
N LYS A 392 -33.08 -18.13 21.34
CA LYS A 392 -34.14 -18.54 20.42
C LYS A 392 -35.13 -17.41 20.17
N ILE A 393 -34.63 -16.18 20.16
CA ILE A 393 -35.46 -15.00 19.93
C ILE A 393 -35.66 -14.87 18.43
N PRO A 394 -36.90 -14.82 17.93
CA PRO A 394 -37.15 -14.74 16.47
C PRO A 394 -36.97 -13.32 15.96
N PHE A 395 -35.70 -12.92 15.84
CA PHE A 395 -35.35 -11.51 15.63
C PHE A 395 -36.08 -10.92 14.42
N ALA A 396 -36.05 -11.61 13.29
CA ALA A 396 -36.61 -11.04 12.07
C ALA A 396 -38.11 -10.80 12.18
N LYS A 397 -38.80 -11.47 13.09
CA LYS A 397 -40.24 -11.27 13.23
C LYS A 397 -40.61 -10.52 14.51
N LEU A 398 -39.63 -9.94 15.19
CA LEU A 398 -39.94 -9.12 16.35
C LEU A 398 -40.65 -7.83 15.93
N GLU A 399 -41.53 -7.36 16.80
CA GLU A 399 -42.13 -6.05 16.63
C GLU A 399 -41.16 -4.96 17.13
N ASP A 400 -41.37 -3.74 16.65
CA ASP A 400 -40.54 -2.62 17.03
C ASP A 400 -40.93 -2.08 18.40
N SER A 401 -39.92 -1.70 19.18
CA SER A 401 -40.11 -1.00 20.43
C SER A 401 -39.16 0.20 20.46
N GLU A 402 -39.22 0.96 21.54
CA GLU A 402 -38.47 2.20 21.68
C GLU A 402 -37.48 2.06 22.83
N ALA A 403 -36.44 2.88 22.78
CA ALA A 403 -35.53 2.98 23.89
C ALA A 403 -36.17 3.75 25.05
N ASP A 404 -35.66 3.53 26.23
CA ASP A 404 -36.01 4.38 27.37
C ASP A 404 -35.37 5.76 27.12
N PRO A 405 -36.14 6.85 27.21
CA PRO A 405 -35.68 8.11 26.61
C PRO A 405 -34.56 8.82 27.37
N ALA A 406 -34.48 8.65 28.69
CA ALA A 406 -33.65 9.55 29.51
C ALA A 406 -32.19 9.56 29.08
N MET A 407 -31.67 8.42 28.62
CA MET A 407 -30.34 8.32 28.03
C MET A 407 -30.40 7.54 26.72
N GLY A 408 -31.51 7.72 25.99
CA GLY A 408 -31.85 6.92 24.83
C GLY A 408 -32.19 7.74 23.62
N GLU A 409 -32.65 8.98 23.83
CA GLU A 409 -32.94 9.87 22.72
C GLU A 409 -31.64 10.22 22.00
N TYR A 410 -31.72 10.37 20.67
CA TYR A 410 -30.58 10.89 19.94
C TYR A 410 -30.99 11.73 18.75
N SER A 411 -30.09 12.65 18.37
CA SER A 411 -30.25 13.51 17.21
C SER A 411 -29.64 12.84 15.98
N GLY A 412 -29.93 13.42 14.82
CA GLY A 412 -29.33 12.94 13.58
C GLY A 412 -27.83 13.10 13.53
N ALA A 413 -27.30 14.09 14.26
CA ALA A 413 -25.85 14.25 14.33
C ALA A 413 -25.21 13.05 15.00
N GLY A 414 -25.78 12.60 16.11
CA GLY A 414 -25.26 11.40 16.75
C GLY A 414 -25.42 10.17 15.87
N ALA A 415 -26.50 10.13 15.09
CA ALA A 415 -26.83 8.95 14.29
C ALA A 415 -25.75 8.63 13.26
N ILE A 416 -25.08 9.66 12.73
CA ILE A 416 -24.14 9.44 11.63
C ILE A 416 -22.73 9.13 12.11
N PHE A 417 -22.52 9.03 13.43
CA PHE A 417 -21.17 8.81 13.97
C PHE A 417 -20.49 7.60 13.36
N GLY A 418 -21.25 6.56 13.01
CA GLY A 418 -20.67 5.29 12.59
C GLY A 418 -20.06 5.29 11.20
N ALA A 419 -20.23 6.37 10.44
CA ALA A 419 -19.61 6.51 9.13
C ALA A 419 -18.41 7.45 9.18
N THR A 420 -17.39 7.15 8.36
CA THR A 420 -16.25 8.05 8.24
C THR A 420 -16.70 9.45 7.85
N GLY A 421 -16.29 10.45 8.64
CA GLY A 421 -16.75 11.81 8.47
C GLY A 421 -17.98 12.15 9.28
N GLY A 422 -18.58 11.18 9.95
CA GLY A 422 -19.77 11.46 10.74
C GLY A 422 -19.50 12.32 11.96
N VAL A 423 -18.45 11.99 12.72
CA VAL A 423 -18.10 12.82 13.87
C VAL A 423 -17.79 14.24 13.42
N MET A 424 -17.02 14.37 12.33
CA MET A 424 -16.66 15.69 11.83
C MET A 424 -17.91 16.49 11.52
N GLU A 425 -18.83 15.91 10.74
CA GLU A 425 -20.06 16.61 10.36
C GLU A 425 -20.90 16.95 11.59
N ALA A 426 -21.05 16.00 12.51
CA ALA A 426 -21.84 16.24 13.71
C ALA A 426 -21.24 17.37 14.54
N ALA A 427 -19.92 17.36 14.67
CA ALA A 427 -19.26 18.37 15.49
C ALA A 427 -19.39 19.75 14.85
N LEU A 428 -19.26 19.86 13.53
CA LEU A 428 -19.39 21.15 12.88
C LEU A 428 -20.79 21.74 13.04
N ARG A 429 -21.82 20.88 13.01
CA ARG A 429 -23.19 21.37 13.20
C ARG A 429 -23.32 22.11 14.53
N SER A 430 -22.72 21.59 15.59
CA SER A 430 -22.84 22.26 16.88
C SER A 430 -21.82 23.39 17.02
N ALA A 431 -20.57 23.18 16.59
CA ALA A 431 -19.55 24.20 16.80
C ALA A 431 -19.92 25.52 16.13
N LYS A 432 -20.51 25.44 14.93
CA LYS A 432 -20.83 26.67 14.22
C LYS A 432 -21.97 27.41 14.90
N ASP A 433 -22.98 26.67 15.37
CA ASP A 433 -24.05 27.30 16.14
C ASP A 433 -23.49 27.92 17.42
N PHE A 434 -22.64 27.17 18.14
CA PHE A 434 -22.04 27.69 19.35
C PHE A 434 -21.26 28.97 19.09
N ALA A 435 -20.36 28.92 18.10
CA ALA A 435 -19.45 30.03 17.86
C ALA A 435 -20.18 31.28 17.40
N GLU A 436 -21.24 31.11 16.60
CA GLU A 436 -21.98 32.24 16.03
C GLU A 436 -23.23 32.56 16.83
N ASN A 437 -23.48 31.87 17.93
CA ASN A 437 -24.71 31.99 18.71
C ASN A 437 -25.92 32.08 17.77
N ALA A 438 -26.13 31.00 17.03
CA ALA A 438 -27.15 30.98 15.98
C ALA A 438 -27.76 29.59 15.89
N GLU A 439 -28.86 29.52 15.16
CA GLU A 439 -29.54 28.26 14.83
C GLU A 439 -29.57 28.16 13.30
N LEU A 440 -28.48 27.67 12.73
CA LEU A 440 -28.32 27.67 11.28
C LEU A 440 -29.08 26.53 10.62
N GLU A 441 -29.51 26.77 9.39
CA GLU A 441 -30.32 25.81 8.65
C GLU A 441 -29.52 24.91 7.72
N ASP A 442 -28.42 25.37 7.15
CA ASP A 442 -27.58 24.54 6.30
C ASP A 442 -26.63 23.76 7.20
N ILE A 443 -26.88 22.45 7.34
CA ILE A 443 -26.17 21.63 8.30
C ILE A 443 -25.46 20.45 7.66
N GLU A 444 -25.58 20.27 6.34
CA GLU A 444 -25.03 19.09 5.67
C GLU A 444 -23.64 19.39 5.12
N TYR A 445 -22.67 18.58 5.53
CA TYR A 445 -21.28 18.77 5.14
C TYR A 445 -20.85 17.59 4.27
N LYS A 446 -21.36 17.58 3.04
CA LYS A 446 -21.13 16.44 2.16
C LYS A 446 -19.65 16.27 1.81
N GLN A 447 -18.85 17.34 1.90
CA GLN A 447 -17.46 17.25 1.47
C GLN A 447 -16.65 16.28 2.33
N VAL A 448 -17.08 16.03 3.56
CA VAL A 448 -16.33 15.17 4.46
C VAL A 448 -16.82 13.74 4.44
N ARG A 449 -17.85 13.44 3.65
CA ARG A 449 -18.43 12.12 3.58
C ARG A 449 -17.74 11.27 2.52
N GLY A 450 -17.95 9.95 2.62
CA GLY A 450 -17.54 9.02 1.59
C GLY A 450 -16.22 8.34 1.90
N LEU A 451 -15.79 7.54 0.93
CA LEU A 451 -14.75 6.53 1.16
C LEU A 451 -13.35 6.96 0.73
N ASN A 452 -13.16 8.18 0.24
CA ASN A 452 -11.79 8.66 0.03
C ASN A 452 -11.00 8.52 1.33
N GLY A 453 -9.73 8.12 1.20
CA GLY A 453 -8.94 7.80 2.38
C GLY A 453 -8.55 9.00 3.20
N ILE A 454 -8.34 10.15 2.55
CA ILE A 454 -7.98 11.40 3.20
C ILE A 454 -8.87 12.48 2.57
N LYS A 455 -9.70 13.11 3.40
CA LYS A 455 -10.66 14.10 2.93
C LYS A 455 -10.43 15.41 3.69
N GLU A 456 -10.59 16.54 3.00
CA GLU A 456 -10.40 17.83 3.64
C GLU A 456 -11.48 18.80 3.18
N ALA A 457 -11.63 19.87 3.96
CA ALA A 457 -12.57 20.92 3.63
C ALA A 457 -12.18 22.18 4.37
N GLU A 458 -12.55 23.32 3.77
CA GLU A 458 -12.49 24.61 4.42
C GLU A 458 -13.90 24.97 4.88
N VAL A 459 -14.02 25.40 6.13
CA VAL A 459 -15.32 25.75 6.71
C VAL A 459 -15.22 27.14 7.30
N GLU A 460 -16.30 27.89 7.19
CA GLU A 460 -16.38 29.25 7.71
C GLU A 460 -17.15 29.20 9.02
N ILE A 461 -16.48 29.60 10.10
CA ILE A 461 -17.08 29.66 11.43
C ILE A 461 -16.93 31.09 11.94
N ASN A 462 -18.06 31.77 12.13
CA ASN A 462 -18.06 33.14 12.62
C ASN A 462 -17.13 34.01 11.78
N ASN A 463 -17.34 33.96 10.46
CA ASN A 463 -16.67 34.86 9.51
C ASN A 463 -15.16 34.66 9.47
N ASN A 464 -14.67 33.47 9.81
CA ASN A 464 -13.27 33.15 9.60
C ASN A 464 -13.15 31.71 9.07
N LYS A 465 -12.06 31.45 8.36
CA LYS A 465 -11.88 30.19 7.65
C LYS A 465 -11.04 29.22 8.47
N TYR A 466 -11.49 27.97 8.52
CA TYR A 466 -10.78 26.91 9.23
C TYR A 466 -10.64 25.72 8.31
N ASN A 467 -9.58 24.95 8.53
CA ASN A 467 -9.28 23.77 7.74
C ASN A 467 -9.52 22.51 8.57
N VAL A 468 -10.32 21.60 8.03
CA VAL A 468 -10.58 20.32 8.67
C VAL A 468 -10.12 19.20 7.75
N ALA A 469 -9.79 18.06 8.35
CA ALA A 469 -9.44 16.84 7.61
C ALA A 469 -10.15 15.66 8.25
N VAL A 470 -10.51 14.70 7.42
CA VAL A 470 -11.09 13.43 7.87
C VAL A 470 -10.18 12.32 7.36
N ILE A 471 -9.57 11.59 8.30
CA ILE A 471 -8.63 10.51 8.00
C ILE A 471 -9.39 9.21 8.16
N ASN A 472 -9.47 8.45 7.07
CA ASN A 472 -10.38 7.33 6.94
C ASN A 472 -9.55 6.05 6.82
N GLY A 473 -9.19 5.50 7.98
CA GLY A 473 -8.38 4.29 8.08
C GLY A 473 -6.99 4.54 8.63
N ALA A 474 -6.50 3.61 9.46
CA ALA A 474 -5.22 3.81 10.13
C ALA A 474 -4.07 3.95 9.14
N SER A 475 -4.10 3.19 8.05
CA SER A 475 -3.04 3.33 7.04
C SER A 475 -3.01 4.74 6.47
N ASN A 476 -4.17 5.38 6.37
CA ASN A 476 -4.22 6.74 5.86
C ASN A 476 -3.76 7.76 6.88
N LEU A 477 -3.83 7.45 8.17
CA LEU A 477 -3.19 8.31 9.17
C LEU A 477 -1.67 8.34 8.95
N PHE A 478 -1.05 7.16 8.81
CA PHE A 478 0.37 7.12 8.48
C PHE A 478 0.67 7.89 7.19
N LYS A 479 -0.15 7.71 6.15
CA LYS A 479 0.14 8.43 4.90
C LYS A 479 0.08 9.94 5.11
N PHE A 480 -0.96 10.39 5.79
CA PHE A 480 -1.14 11.82 6.06
C PHE A 480 0.05 12.41 6.80
N MET A 481 0.59 11.68 7.78
CA MET A 481 1.71 12.19 8.57
C MET A 481 3.03 12.04 7.82
N LYS A 482 3.32 10.83 7.34
CA LYS A 482 4.64 10.59 6.76
C LYS A 482 4.83 11.35 5.45
N SER A 483 3.76 11.57 4.69
CA SER A 483 3.85 12.33 3.45
C SER A 483 4.07 13.83 3.68
N GLY A 484 3.83 14.31 4.89
CA GLY A 484 3.89 15.72 5.12
C GLY A 484 2.65 16.48 4.75
N MET A 485 1.56 15.79 4.40
CA MET A 485 0.32 16.49 4.08
C MET A 485 -0.11 17.37 5.24
N ILE A 486 0.17 16.93 6.47
CA ILE A 486 -0.13 17.70 7.66
C ILE A 486 0.53 19.07 7.64
N ASN A 487 1.63 19.22 6.88
CA ASN A 487 2.36 20.49 6.83
C ASN A 487 1.89 21.43 5.72
N GLU A 488 0.98 21.01 4.84
CA GLU A 488 0.64 21.84 3.70
C GLU A 488 -0.20 23.04 4.09
N LYS A 489 -0.84 23.00 5.24
CA LYS A 489 -1.63 24.11 5.77
C LYS A 489 -1.80 23.89 7.25
N GLN A 490 -2.32 24.90 7.93
CA GLN A 490 -2.66 24.77 9.35
C GLN A 490 -4.03 24.10 9.44
N TYR A 491 -4.05 22.86 9.93
CA TYR A 491 -5.30 22.19 10.20
C TYR A 491 -5.76 22.51 11.62
N HIS A 492 -7.07 22.68 11.77
CA HIS A 492 -7.66 23.04 13.05
C HIS A 492 -8.42 21.91 13.73
N PHE A 493 -9.04 21.02 12.96
CA PHE A 493 -9.80 19.92 13.54
C PHE A 493 -9.69 18.73 12.59
N ILE A 494 -9.29 17.57 13.13
CA ILE A 494 -9.05 16.38 12.31
C ILE A 494 -9.76 15.19 12.96
N GLU A 495 -10.62 14.53 12.19
CA GLU A 495 -11.18 13.24 12.58
C GLU A 495 -10.26 12.11 12.12
N VAL A 496 -10.06 11.12 13.00
CA VAL A 496 -9.33 9.92 12.62
C VAL A 496 -10.16 8.69 13.01
N MET A 497 -10.42 7.82 12.03
CA MET A 497 -10.96 6.48 12.30
C MET A 497 -9.96 5.43 11.88
N ALA A 498 -9.82 4.38 12.69
CA ALA A 498 -8.84 3.35 12.34
C ALA A 498 -9.34 2.39 11.28
N CYS A 499 -10.65 2.19 11.17
CA CYS A 499 -11.25 1.25 10.22
C CYS A 499 -11.71 2.02 8.99
N HIS A 500 -11.22 1.61 7.82
CA HIS A 500 -11.65 2.28 6.59
C HIS A 500 -13.16 2.13 6.42
N GLY A 501 -13.85 3.27 6.20
CA GLY A 501 -15.29 3.32 6.18
C GLY A 501 -15.90 3.83 7.46
N GLY A 502 -15.11 3.92 8.51
CA GLY A 502 -15.64 4.21 9.83
C GLY A 502 -16.06 2.94 10.53
N CYS A 503 -16.75 3.14 11.65
CA CYS A 503 -17.13 2.02 12.51
C CYS A 503 -18.07 1.03 11.83
N VAL A 504 -18.80 1.46 10.79
CA VAL A 504 -19.63 0.49 10.09
C VAL A 504 -18.80 -0.68 9.56
N ASN A 505 -17.49 -0.48 9.35
CA ASN A 505 -16.57 -1.54 8.93
C ASN A 505 -15.64 -1.97 10.08
N GLY A 506 -16.10 -1.92 11.33
CA GLY A 506 -15.24 -2.25 12.44
C GLY A 506 -15.02 -3.75 12.60
N GLY A 507 -14.05 -4.06 13.48
CA GLY A 507 -13.58 -5.42 13.65
C GLY A 507 -14.50 -6.34 14.42
N GLY A 508 -15.58 -5.80 14.99
CA GLY A 508 -16.60 -6.59 15.63
C GLY A 508 -17.84 -6.83 14.80
N GLN A 509 -17.79 -6.50 13.51
CA GLN A 509 -18.97 -6.53 12.64
C GLN A 509 -19.17 -7.91 12.05
N PRO A 510 -20.35 -8.18 11.51
CA PRO A 510 -20.57 -9.46 10.83
C PRO A 510 -19.56 -9.68 9.71
N HIS A 511 -19.04 -10.91 9.64
CA HIS A 511 -18.30 -11.31 8.47
C HIS A 511 -19.19 -11.29 7.24
N VAL A 512 -18.58 -11.00 6.10
CA VAL A 512 -19.25 -10.98 4.80
C VAL A 512 -18.46 -11.88 3.86
N ASN A 513 -19.14 -12.82 3.22
CA ASN A 513 -18.50 -13.69 2.24
C ASN A 513 -17.80 -12.87 1.16
N PRO A 514 -16.55 -13.20 0.80
CA PRO A 514 -15.85 -12.38 -0.22
C PRO A 514 -16.62 -12.24 -1.52
N LYS A 515 -17.49 -13.21 -1.85
CA LYS A 515 -18.33 -13.12 -3.02
C LYS A 515 -19.57 -12.27 -2.80
N ASP A 516 -19.95 -12.02 -1.54
CA ASP A 516 -20.98 -11.02 -1.28
C ASP A 516 -20.38 -9.63 -1.38
N LEU A 517 -19.09 -9.50 -1.06
CA LEU A 517 -18.39 -8.24 -1.16
C LEU A 517 -18.15 -7.82 -2.60
N GLU A 518 -18.25 -8.75 -3.56
CA GLU A 518 -18.18 -8.39 -4.97
C GLU A 518 -19.48 -7.77 -5.47
N LYS A 519 -20.60 -8.04 -4.77
CA LYS A 519 -21.89 -7.53 -5.17
C LYS A 519 -22.40 -6.38 -4.30
N VAL A 520 -21.85 -6.18 -3.11
CA VAL A 520 -22.34 -5.20 -2.16
C VAL A 520 -21.17 -4.35 -1.68
N ASP A 521 -21.32 -3.02 -1.76
CA ASP A 521 -20.37 -2.11 -1.10
C ASP A 521 -20.80 -2.00 0.36
N ILE A 522 -20.19 -2.85 1.21
CA ILE A 522 -20.65 -2.98 2.58
C ILE A 522 -20.50 -1.66 3.34
N LYS A 523 -19.40 -0.94 3.07
CA LYS A 523 -19.15 0.31 3.80
C LYS A 523 -20.24 1.34 3.49
N LYS A 524 -20.63 1.45 2.22
CA LYS A 524 -21.64 2.42 1.81
C LYS A 524 -23.04 2.00 2.24
N VAL A 525 -23.40 0.73 2.09
CA VAL A 525 -24.77 0.32 2.39
C VAL A 525 -25.05 0.39 3.89
N ARG A 526 -24.06 0.01 4.71
CA ARG A 526 -24.23 0.15 6.15
C ARG A 526 -24.34 1.62 6.54
N ALA A 527 -23.46 2.46 5.98
CA ALA A 527 -23.51 3.89 6.29
C ALA A 527 -24.84 4.50 5.85
N SER A 528 -25.44 3.97 4.79
CA SER A 528 -26.66 4.59 4.23
C SER A 528 -27.78 4.57 5.25
N VAL A 529 -27.89 3.50 6.03
CA VAL A 529 -28.87 3.42 7.10
C VAL A 529 -28.73 4.60 8.05
N LEU A 530 -27.49 4.99 8.35
CA LEU A 530 -27.26 6.05 9.33
C LEU A 530 -27.62 7.43 8.78
N TYR A 531 -27.16 7.74 7.56
CA TYR A 531 -27.53 9.02 6.95
C TYR A 531 -29.04 9.11 6.76
N ASN A 532 -29.70 7.99 6.45
CA ASN A 532 -31.14 8.01 6.29
C ASN A 532 -31.83 8.39 7.60
N GLN A 533 -31.35 7.85 8.73
CA GLN A 533 -31.94 8.24 10.00
C GLN A 533 -31.78 9.73 10.23
N ASP A 534 -30.57 10.25 9.99
CA ASP A 534 -30.32 11.68 10.13
C ASP A 534 -31.30 12.48 9.30
N GLU A 535 -31.56 12.04 8.06
CA GLU A 535 -32.39 12.81 7.15
C GLU A 535 -33.83 12.91 7.64
N HIS A 536 -34.32 11.90 8.34
CA HIS A 536 -35.72 11.87 8.77
C HIS A 536 -35.92 12.16 10.24
N LEU A 537 -34.86 12.50 10.98
CA LEU A 537 -35.01 12.88 12.38
C LEU A 537 -35.36 14.37 12.50
N SER A 538 -36.22 14.69 13.46
CA SER A 538 -36.61 16.07 13.70
C SER A 538 -35.43 16.90 14.17
N LYS A 539 -34.70 16.40 15.16
CA LYS A 539 -33.52 17.07 15.71
C LYS A 539 -32.29 16.50 15.03
N ARG A 540 -31.50 17.36 14.37
CA ARG A 540 -30.31 16.94 13.65
C ARG A 540 -29.05 17.59 14.19
N LYS A 541 -29.11 18.13 15.40
CA LYS A 541 -27.99 18.73 16.07
C LYS A 541 -27.93 18.16 17.49
N SER A 542 -26.72 17.85 17.96
CA SER A 542 -26.60 17.19 19.26
C SER A 542 -27.17 18.05 20.38
N HIS A 543 -27.01 19.37 20.28
CA HIS A 543 -27.48 20.24 21.35
C HIS A 543 -28.98 20.49 21.31
N GLU A 544 -29.71 19.89 20.36
CA GLU A 544 -31.16 19.94 20.35
C GLU A 544 -31.79 18.69 20.96
N ASN A 545 -30.97 17.71 21.34
CA ASN A 545 -31.42 16.51 22.04
C ASN A 545 -32.08 16.87 23.38
N THR A 546 -33.41 16.68 23.47
CA THR A 546 -34.14 17.20 24.63
C THR A 546 -33.75 16.49 25.92
N ALA A 547 -33.63 15.16 25.88
CA ALA A 547 -33.19 14.42 27.05
C ALA A 547 -31.79 14.84 27.47
N LEU A 548 -30.92 15.11 26.51
CA LEU A 548 -29.57 15.55 26.86
C LEU A 548 -29.59 16.95 27.46
N VAL A 549 -30.39 17.85 26.88
CA VAL A 549 -30.48 19.21 27.42
C VAL A 549 -30.94 19.19 28.87
N LYS A 550 -31.95 18.36 29.18
CA LYS A 550 -32.40 18.24 30.57
C LYS A 550 -31.29 17.73 31.47
N MET A 551 -30.48 16.79 30.96
CA MET A 551 -29.40 16.25 31.76
C MET A 551 -28.37 17.31 32.12
N TYR A 552 -27.98 18.15 31.14
CA TYR A 552 -27.01 19.20 31.44
C TYR A 552 -27.61 20.27 32.35
N GLN A 553 -28.85 20.67 32.08
CA GLN A 553 -29.51 21.68 32.90
C GLN A 553 -29.61 21.23 34.35
N ASN A 554 -29.99 19.98 34.58
CA ASN A 554 -30.31 19.52 35.92
C ASN A 554 -29.14 18.88 36.64
N TYR A 555 -28.10 18.45 35.92
CA TYR A 555 -27.04 17.71 36.59
C TYR A 555 -25.63 18.18 36.26
N PHE A 556 -25.28 18.30 34.97
CA PHE A 556 -23.87 18.56 34.64
C PHE A 556 -23.54 20.03 34.52
N GLY A 557 -24.50 20.88 34.20
CA GLY A 557 -24.23 22.31 34.04
C GLY A 557 -23.76 22.65 32.64
N LYS A 558 -22.88 23.64 32.52
CA LYS A 558 -22.42 24.07 31.18
C LYS A 558 -21.35 23.12 30.67
N PRO A 559 -21.46 22.67 29.41
CA PRO A 559 -20.43 21.78 28.86
C PRO A 559 -19.05 22.40 28.90
N GLY A 560 -18.03 21.53 28.98
CA GLY A 560 -16.65 21.95 28.91
C GLY A 560 -16.19 22.81 30.06
N GLU A 561 -16.88 22.73 31.20
CA GLU A 561 -16.59 23.52 32.37
C GLU A 561 -17.07 22.78 33.61
N GLY A 562 -16.52 23.17 34.76
CA GLY A 562 -17.07 22.71 36.03
C GLY A 562 -17.19 21.20 36.12
N ARG A 563 -18.37 20.74 36.55
CA ARG A 563 -18.60 19.31 36.71
C ARG A 563 -18.43 18.59 35.39
N ALA A 564 -18.98 19.14 34.30
CA ALA A 564 -18.85 18.49 33.01
C ALA A 564 -17.38 18.18 32.71
N HIS A 565 -16.50 19.17 32.91
CA HIS A 565 -15.12 18.92 32.56
C HIS A 565 -14.43 17.97 33.53
N GLU A 566 -14.93 17.86 34.76
CA GLU A 566 -14.18 17.10 35.75
C GLU A 566 -14.31 15.59 35.53
N ILE A 567 -15.48 15.11 35.09
CA ILE A 567 -15.69 13.67 35.00
C ILE A 567 -16.00 13.20 33.58
N LEU A 568 -16.43 14.06 32.66
CA LEU A 568 -16.77 13.64 31.30
C LEU A 568 -15.58 13.71 30.35
N HIS A 569 -14.39 14.02 30.85
CA HIS A 569 -13.20 14.19 30.04
C HIS A 569 -12.10 13.23 30.47
N PHE A 570 -11.14 13.02 29.56
CA PHE A 570 -10.04 12.09 29.80
C PHE A 570 -8.87 12.49 28.93
N LYS A 571 -7.68 12.60 29.52
CA LYS A 571 -6.46 12.89 28.78
C LYS A 571 -5.48 11.74 28.88
N TYR A 572 -4.85 11.40 27.74
CA TYR A 572 -3.90 10.30 27.69
C TYR A 572 -2.50 10.82 27.97
N LYS A 573 -1.82 10.20 28.93
CA LYS A 573 -0.51 10.66 29.38
C LYS A 573 0.56 9.59 29.15
N LYS B 2 -25.98 -0.28 -14.88
CA LYS B 2 -26.27 1.15 -14.73
C LYS B 2 -26.24 1.82 -16.08
N THR B 3 -26.88 2.98 -16.20
CA THR B 3 -26.92 3.72 -17.45
C THR B 3 -26.56 5.17 -17.20
N ILE B 4 -25.72 5.71 -18.09
CA ILE B 4 -24.98 6.94 -17.85
C ILE B 4 -24.92 7.72 -19.14
N ILE B 5 -25.19 9.02 -19.07
CA ILE B 5 -25.06 9.91 -20.22
C ILE B 5 -23.83 10.79 -20.01
N ILE B 6 -22.91 10.72 -20.96
CA ILE B 6 -21.68 11.52 -20.92
C ILE B 6 -21.62 12.29 -22.22
N ASN B 7 -21.81 13.60 -22.13
CA ASN B 7 -21.82 14.46 -23.31
C ASN B 7 -22.90 14.02 -24.30
N GLY B 8 -24.11 13.81 -23.79
CA GLY B 8 -25.25 13.47 -24.60
C GLY B 8 -25.31 12.02 -25.07
N VAL B 9 -24.26 11.24 -24.87
CA VAL B 9 -24.22 9.85 -25.31
C VAL B 9 -24.53 8.95 -24.13
N GLN B 10 -25.44 8.01 -24.35
CA GLN B 10 -25.87 7.07 -23.30
C GLN B 10 -24.90 5.91 -23.21
N PHE B 11 -24.60 5.50 -21.98
CA PHE B 11 -23.74 4.35 -21.70
C PHE B 11 -24.44 3.45 -20.70
N ASN B 12 -24.41 2.14 -20.96
CA ASN B 12 -24.96 1.15 -20.06
C ASN B 12 -23.82 0.23 -19.61
N THR B 13 -23.61 0.14 -18.31
CA THR B 13 -22.53 -0.61 -17.69
C THR B 13 -22.89 -0.71 -16.22
N ASP B 14 -22.27 -1.65 -15.52
CA ASP B 14 -22.26 -1.51 -14.07
C ASP B 14 -20.87 -1.79 -13.51
N GLU B 15 -19.84 -1.49 -14.31
CA GLU B 15 -18.56 -1.10 -13.75
C GLU B 15 -18.79 -0.28 -12.49
N ASP B 16 -18.03 -0.55 -11.45
CA ASP B 16 -18.01 0.30 -10.27
C ASP B 16 -16.68 1.04 -10.22
N THR B 17 -16.55 2.02 -11.11
CA THR B 17 -15.31 2.73 -11.36
C THR B 17 -15.55 4.24 -11.29
N THR B 18 -14.48 5.00 -11.44
CA THR B 18 -14.56 6.45 -11.42
C THR B 18 -14.99 7.00 -12.77
N ILE B 19 -15.47 8.24 -12.77
CA ILE B 19 -15.78 8.90 -14.02
C ILE B 19 -14.55 8.92 -14.93
N LEU B 20 -13.38 9.19 -14.34
CA LEU B 20 -12.16 9.29 -15.14
C LEU B 20 -11.83 7.96 -15.82
N LYS B 21 -11.74 6.88 -15.04
CA LYS B 21 -11.42 5.59 -15.61
C LYS B 21 -12.42 5.22 -16.70
N PHE B 22 -13.71 5.38 -16.40
CA PHE B 22 -14.74 5.05 -17.37
C PHE B 22 -14.53 5.79 -18.69
N ALA B 23 -14.38 7.11 -18.62
CA ALA B 23 -14.12 7.89 -19.83
C ALA B 23 -12.93 7.34 -20.59
N ARG B 24 -11.81 7.13 -19.89
CA ARG B 24 -10.60 6.65 -20.56
C ARG B 24 -10.86 5.30 -21.23
N ASP B 25 -11.64 4.43 -20.59
CA ASP B 25 -11.98 3.15 -21.20
C ASP B 25 -12.82 3.34 -22.46
N ASN B 26 -13.82 4.22 -22.39
CA ASN B 26 -14.69 4.51 -23.53
C ASN B 26 -14.18 5.67 -24.37
N ASN B 27 -12.87 5.85 -24.45
CA ASN B 27 -12.23 6.88 -25.27
C ASN B 27 -12.98 8.20 -25.23
N ILE B 28 -13.31 8.64 -24.02
CA ILE B 28 -13.76 9.99 -23.74
C ILE B 28 -12.62 10.72 -23.05
N ASP B 29 -12.22 11.86 -23.59
CA ASP B 29 -11.03 12.53 -23.08
C ASP B 29 -11.38 13.35 -21.85
N ILE B 30 -10.72 13.04 -20.74
CA ILE B 30 -10.73 13.87 -19.54
C ILE B 30 -9.28 14.09 -19.16
N SER B 31 -8.91 15.35 -18.95
CA SER B 31 -7.55 15.65 -18.52
C SER B 31 -7.37 15.32 -17.05
N ALA B 32 -6.12 15.01 -16.70
CA ALA B 32 -5.75 14.72 -15.34
C ALA B 32 -4.32 15.18 -15.17
N LEU B 33 -3.99 15.63 -13.97
CA LEU B 33 -2.60 15.97 -13.69
C LEU B 33 -2.09 15.28 -12.44
N CYS B 34 -2.75 15.47 -11.31
CA CYS B 34 -2.22 14.92 -10.06
C CYS B 34 -2.63 13.47 -9.82
N PHE B 35 -3.43 12.87 -10.70
CA PHE B 35 -3.81 11.47 -10.57
C PHE B 35 -2.77 10.58 -11.23
N LEU B 36 -2.18 9.66 -10.47
CA LEU B 36 -1.21 8.71 -10.98
C LEU B 36 -1.13 7.57 -9.97
N ASN B 37 -0.79 6.36 -10.44
CA ASN B 37 -0.64 5.23 -9.55
C ASN B 37 -1.90 5.03 -8.69
N ASN B 38 -3.07 5.31 -9.25
CA ASN B 38 -4.36 5.11 -8.60
C ASN B 38 -4.57 6.03 -7.40
N CYS B 39 -3.86 7.15 -7.35
N CYS B 39 -3.88 7.15 -7.33
CA CYS B 39 -3.95 8.10 -6.25
CA CYS B 39 -4.07 8.09 -6.24
C CYS B 39 -3.94 9.51 -6.84
C CYS B 39 -3.92 9.50 -6.78
N ASN B 40 -4.69 10.41 -6.22
CA ASN B 40 -4.53 11.82 -6.52
C ASN B 40 -3.94 12.52 -5.30
N ASN B 41 -3.85 13.83 -5.38
CA ASN B 41 -3.25 14.67 -4.33
C ASN B 41 -4.38 15.07 -3.39
N ASP B 42 -4.53 14.31 -2.30
CA ASP B 42 -5.77 14.41 -1.54
C ASP B 42 -5.93 15.77 -0.89
N ILE B 43 -4.84 16.39 -0.50
CA ILE B 43 -4.81 17.76 0.01
C ILE B 43 -4.42 18.67 -1.15
N ASN B 44 -5.25 19.67 -1.43
CA ASN B 44 -5.05 20.58 -2.56
C ASN B 44 -5.07 19.82 -3.89
N LYS B 45 -6.18 19.11 -4.11
CA LYS B 45 -6.45 18.46 -5.39
C LYS B 45 -6.23 19.42 -6.53
N CYS B 46 -5.68 18.93 -7.65
CA CYS B 46 -5.40 19.79 -8.79
C CYS B 46 -6.67 20.25 -9.50
N GLU B 47 -7.73 19.47 -9.48
CA GLU B 47 -9.02 19.79 -10.11
C GLU B 47 -8.91 19.94 -11.62
N ILE B 48 -7.81 19.49 -12.24
CA ILE B 48 -7.72 19.49 -13.69
C ILE B 48 -8.67 18.48 -14.31
N CYS B 49 -9.08 17.47 -13.55
CA CYS B 49 -10.04 16.45 -13.99
C CYS B 49 -11.48 16.86 -13.76
N THR B 50 -11.74 18.16 -13.63
CA THR B 50 -13.09 18.62 -13.34
C THR B 50 -14.06 18.21 -14.45
N VAL B 51 -15.24 17.74 -14.05
CA VAL B 51 -16.36 17.51 -14.96
C VAL B 51 -17.62 18.06 -14.31
N GLU B 52 -18.69 18.10 -15.10
CA GLU B 52 -19.97 18.63 -14.65
C GLU B 52 -20.98 17.49 -14.57
N VAL B 53 -21.50 17.25 -13.37
CA VAL B 53 -22.59 16.31 -13.16
C VAL B 53 -23.86 17.13 -12.98
N GLU B 54 -24.70 17.15 -14.01
CA GLU B 54 -25.95 17.91 -13.93
C GLU B 54 -26.74 17.50 -12.70
N GLY B 55 -27.15 18.49 -11.92
CA GLY B 55 -27.85 18.28 -10.68
C GLY B 55 -26.98 18.33 -9.45
N THR B 56 -25.68 18.11 -9.60
CA THR B 56 -24.74 18.17 -8.48
C THR B 56 -23.72 19.28 -8.62
N GLY B 57 -23.18 19.49 -9.82
CA GLY B 57 -22.24 20.57 -10.06
C GLY B 57 -20.90 20.04 -10.54
N LEU B 58 -19.85 20.81 -10.24
CA LEU B 58 -18.49 20.45 -10.66
C LEU B 58 -17.89 19.46 -9.68
N VAL B 59 -17.32 18.38 -10.21
CA VAL B 59 -16.71 17.34 -9.40
C VAL B 59 -15.39 16.94 -10.06
N THR B 60 -14.50 16.37 -9.25
CA THR B 60 -13.23 15.83 -9.75
C THR B 60 -13.47 14.40 -10.22
N ALA B 61 -13.31 14.18 -11.53
CA ALA B 61 -13.61 12.87 -12.11
C ALA B 61 -12.68 11.78 -11.59
N CYS B 62 -11.46 12.12 -11.19
CA CYS B 62 -10.48 11.10 -10.82
C CYS B 62 -10.82 10.37 -9.52
N ASP B 63 -11.70 10.94 -8.69
CA ASP B 63 -12.04 10.29 -7.42
C ASP B 63 -13.54 10.32 -7.17
N THR B 64 -14.32 10.36 -8.25
CA THR B 64 -15.78 10.42 -8.18
C THR B 64 -16.34 9.22 -8.93
N LEU B 65 -17.05 8.35 -8.21
CA LEU B 65 -17.62 7.15 -8.82
C LEU B 65 -18.83 7.50 -9.68
N ILE B 66 -18.98 6.79 -10.79
CA ILE B 66 -20.18 6.93 -11.60
C ILE B 66 -21.37 6.40 -10.82
N GLU B 67 -22.53 7.03 -11.04
CA GLU B 67 -23.79 6.62 -10.40
C GLU B 67 -24.87 6.52 -11.46
N ASP B 68 -25.66 5.46 -11.38
CA ASP B 68 -26.74 5.26 -12.36
C ASP B 68 -27.55 6.54 -12.52
N GLY B 69 -27.75 6.95 -13.78
CA GLY B 69 -28.53 8.12 -14.09
C GLY B 69 -27.75 9.40 -14.26
N MET B 70 -26.47 9.42 -13.90
CA MET B 70 -25.68 10.64 -14.04
C MET B 70 -25.77 11.17 -15.47
N ILE B 71 -25.83 12.49 -15.59
CA ILE B 71 -25.62 13.17 -16.86
C ILE B 71 -24.36 14.03 -16.69
N ILE B 72 -23.32 13.69 -17.45
CA ILE B 72 -21.99 14.25 -17.26
C ILE B 72 -21.60 15.06 -18.48
N ASN B 73 -21.02 16.23 -18.23
CA ASN B 73 -20.53 17.13 -19.28
C ASN B 73 -19.08 17.44 -18.97
N THR B 74 -18.18 16.99 -19.84
CA THR B 74 -16.75 17.15 -19.62
C THR B 74 -16.17 18.39 -20.29
N ASN B 75 -16.97 19.15 -21.05
CA ASN B 75 -16.45 20.27 -21.81
C ASN B 75 -17.40 21.46 -21.82
N SER B 76 -18.20 21.59 -20.76
CA SER B 76 -19.04 22.77 -20.61
C SER B 76 -18.17 24.01 -20.41
N ASP B 77 -18.77 25.19 -20.63
CA ASP B 77 -18.08 26.44 -20.34
C ASP B 77 -17.64 26.48 -18.88
N ALA B 78 -18.46 25.95 -17.98
CA ALA B 78 -18.11 25.97 -16.56
C ALA B 78 -16.92 25.07 -16.26
N VAL B 79 -16.82 23.93 -16.94
CA VAL B 79 -15.70 23.01 -16.71
C VAL B 79 -14.41 23.62 -17.26
N ASN B 80 -14.42 24.04 -18.52
CA ASN B 80 -13.19 24.55 -19.13
C ASN B 80 -12.70 25.80 -18.41
N GLU B 81 -13.62 26.64 -17.92
CA GLU B 81 -13.21 27.82 -17.18
C GLU B 81 -12.51 27.43 -15.89
N LYS B 82 -13.05 26.45 -15.17
CA LYS B 82 -12.40 25.99 -13.94
C LYS B 82 -11.01 25.45 -14.24
N ILE B 83 -10.89 24.57 -15.23
CA ILE B 83 -9.60 23.93 -15.52
C ILE B 83 -8.58 24.98 -15.98
N LYS B 84 -9.00 25.84 -16.92
CA LYS B 84 -8.07 26.86 -17.39
C LYS B 84 -7.60 27.74 -16.22
N SER B 85 -8.49 28.00 -15.27
CA SER B 85 -8.11 28.81 -14.12
C SER B 85 -7.09 28.09 -13.25
N ARG B 86 -7.24 26.77 -13.07
CA ARG B 86 -6.28 26.06 -12.23
C ARG B 86 -4.92 26.00 -12.91
N ILE B 87 -4.89 25.85 -14.24
CA ILE B 87 -3.62 25.83 -14.97
C ILE B 87 -2.97 27.21 -14.90
N SER B 88 -3.78 28.28 -14.98
CA SER B 88 -3.24 29.64 -14.85
C SER B 88 -2.58 29.83 -13.49
N GLN B 89 -3.20 29.34 -12.42
CA GLN B 89 -2.60 29.47 -11.10
C GLN B 89 -1.27 28.71 -11.03
N LEU B 90 -1.19 27.56 -11.72
CA LEU B 90 0.06 26.83 -11.76
C LEU B 90 1.13 27.58 -12.56
N LEU B 91 0.75 28.21 -13.68
CA LEU B 91 1.72 29.03 -14.40
C LEU B 91 2.28 30.15 -13.52
N ASP B 92 1.45 30.69 -12.61
CA ASP B 92 1.91 31.76 -11.74
C ASP B 92 3.05 31.33 -10.83
N ILE B 93 3.29 30.04 -10.66
CA ILE B 93 4.40 29.56 -9.85
C ILE B 93 5.36 28.70 -10.68
N HIS B 94 5.32 28.84 -12.01
CA HIS B 94 6.08 27.97 -12.90
C HIS B 94 6.93 28.82 -13.83
N GLU B 95 8.25 28.60 -13.80
CA GLU B 95 9.17 29.24 -14.75
C GLU B 95 8.96 28.59 -16.11
N PHE B 96 8.15 29.25 -16.95
CA PHE B 96 7.67 28.70 -18.21
C PHE B 96 8.65 29.11 -19.31
N LYS B 97 9.75 28.35 -19.39
CA LYS B 97 10.84 28.58 -20.34
C LYS B 97 11.28 27.22 -20.88
N CYS B 98 10.53 26.72 -21.85
CA CYS B 98 10.70 25.35 -22.31
C CYS B 98 11.91 25.18 -23.22
N GLY B 99 12.43 26.26 -23.81
CA GLY B 99 13.52 26.14 -24.74
C GLY B 99 14.67 25.27 -24.27
N PRO B 100 15.30 25.66 -23.16
CA PRO B 100 16.42 24.87 -22.61
C PRO B 100 16.02 23.79 -21.60
N CYS B 101 14.74 23.55 -21.40
CA CYS B 101 14.28 22.63 -20.37
C CYS B 101 14.43 21.17 -20.79
N ASN B 102 14.86 20.33 -19.83
CA ASN B 102 15.14 18.94 -20.18
C ASN B 102 13.88 18.06 -20.30
N ARG B 103 12.68 18.61 -20.10
CA ARG B 103 11.45 17.89 -20.41
C ARG B 103 10.69 18.50 -21.60
N ARG B 104 11.36 19.36 -22.38
CA ARG B 104 10.73 20.07 -23.48
C ARG B 104 9.89 19.16 -24.37
N GLU B 105 10.39 17.97 -24.70
CA GLU B 105 9.77 17.11 -25.69
C GLU B 105 8.68 16.19 -25.13
N ASN B 106 8.54 16.08 -23.82
CA ASN B 106 7.59 15.12 -23.26
C ASN B 106 7.07 15.59 -21.91
N CYS B 107 6.66 16.86 -21.83
CA CYS B 107 6.23 17.48 -20.58
C CYS B 107 4.72 17.52 -20.49
N GLU B 108 4.14 16.95 -19.43
CA GLU B 108 2.68 16.90 -19.33
C GLU B 108 2.08 18.29 -19.11
N PHE B 109 2.80 19.15 -18.40
CA PHE B 109 2.26 20.47 -18.10
C PHE B 109 2.21 21.33 -19.35
N LEU B 110 3.27 21.29 -20.16
CA LEU B 110 3.24 22.02 -21.43
C LEU B 110 2.06 21.58 -22.27
N LYS B 111 1.82 20.28 -22.33
CA LYS B 111 0.70 19.77 -23.12
C LYS B 111 -0.63 20.32 -22.60
N LEU B 112 -0.76 20.42 -21.27
CA LEU B 112 -2.00 20.93 -20.70
C LEU B 112 -2.17 22.41 -20.97
N VAL B 113 -1.07 23.17 -20.86
CA VAL B 113 -1.14 24.61 -21.14
C VAL B 113 -1.59 24.84 -22.56
N ILE B 114 -1.04 24.08 -23.50
CA ILE B 114 -1.46 24.21 -24.90
C ILE B 114 -2.91 23.76 -25.07
N LYS B 115 -3.28 22.65 -24.45
CA LYS B 115 -4.62 22.10 -24.63
C LYS B 115 -5.70 23.11 -24.23
N TYR B 116 -5.47 23.87 -23.16
CA TYR B 116 -6.44 24.80 -22.62
C TYR B 116 -6.08 26.25 -22.89
N LYS B 117 -5.04 26.49 -23.70
CA LYS B 117 -4.57 27.83 -24.01
C LYS B 117 -4.51 28.69 -22.75
N ALA B 118 -3.93 28.12 -21.70
CA ALA B 118 -3.86 28.81 -20.41
C ALA B 118 -2.73 29.82 -20.41
N ARG B 119 -2.87 30.84 -19.58
CA ARG B 119 -1.88 31.89 -19.45
C ARG B 119 -1.83 32.34 -18.00
N ALA B 120 -0.64 32.73 -17.55
CA ALA B 120 -0.46 33.17 -16.19
C ALA B 120 -1.16 34.51 -15.94
N SER B 121 -1.52 34.74 -14.68
CA SER B 121 -1.85 36.09 -14.23
C SER B 121 -0.64 37.00 -14.31
N LYS B 122 0.51 36.48 -13.89
CA LYS B 122 1.77 37.18 -13.85
C LYS B 122 2.87 36.16 -14.08
N PRO B 123 3.65 36.27 -15.14
CA PRO B 123 4.72 35.29 -15.37
C PRO B 123 5.65 35.19 -14.17
N PHE B 124 6.02 33.95 -13.84
CA PHE B 124 6.99 33.67 -12.79
C PHE B 124 8.38 33.66 -13.42
N LEU B 125 9.17 34.69 -13.12
CA LEU B 125 10.47 34.89 -13.75
C LEU B 125 11.53 35.15 -12.68
N PRO B 126 11.81 34.16 -11.84
CA PRO B 126 12.89 34.32 -10.86
C PRO B 126 14.19 34.67 -11.57
N LYS B 127 14.89 35.67 -11.03
CA LYS B 127 16.17 36.07 -11.61
C LYS B 127 17.34 35.33 -11.00
N ASP B 128 17.21 34.87 -9.76
CA ASP B 128 18.20 34.06 -9.07
C ASP B 128 17.51 32.77 -8.65
N LYS B 129 17.84 31.67 -9.34
CA LYS B 129 17.21 30.39 -9.05
C LYS B 129 17.94 29.61 -7.97
N THR B 130 18.99 30.19 -7.37
CA THR B 130 19.85 29.42 -6.49
C THR B 130 19.08 28.74 -5.37
N GLU B 131 18.16 29.47 -4.73
CA GLU B 131 17.48 28.90 -3.58
C GLU B 131 16.35 27.94 -3.97
N TYR B 132 16.01 27.84 -5.25
CA TYR B 132 15.01 26.88 -5.71
C TYR B 132 15.62 25.55 -6.13
N VAL B 133 16.94 25.49 -6.29
CA VAL B 133 17.63 24.35 -6.88
C VAL B 133 18.46 23.66 -5.82
N ASP B 134 18.42 22.32 -5.84
CA ASP B 134 19.19 21.47 -4.93
C ASP B 134 19.88 20.41 -5.77
N GLU B 135 21.19 20.59 -6.01
CA GLU B 135 22.01 19.65 -6.76
C GLU B 135 23.02 18.94 -5.86
N ARG B 136 22.78 18.93 -4.55
CA ARG B 136 23.76 18.37 -3.61
C ARG B 136 23.91 16.87 -3.74
N SER B 137 22.84 16.16 -4.11
CA SER B 137 22.85 14.72 -4.14
C SER B 137 23.72 14.19 -5.27
N LYS B 138 24.29 13.00 -5.04
CA LYS B 138 25.02 12.30 -6.08
C LYS B 138 24.10 11.68 -7.14
N SER B 139 22.80 11.64 -6.88
CA SER B 139 21.85 10.92 -7.73
C SER B 139 20.67 11.75 -8.21
N LEU B 140 20.09 12.61 -7.35
CA LEU B 140 18.83 13.28 -7.66
C LEU B 140 19.04 14.78 -7.61
N THR B 141 18.27 15.52 -8.38
CA THR B 141 18.27 16.96 -8.26
C THR B 141 16.84 17.49 -8.27
N VAL B 142 16.67 18.66 -7.66
CA VAL B 142 15.38 19.34 -7.55
C VAL B 142 15.50 20.74 -8.14
N ASP B 143 14.49 21.12 -8.94
CA ASP B 143 14.35 22.50 -9.42
C ASP B 143 12.92 22.94 -9.11
N ARG B 144 12.76 23.66 -8.01
CA ARG B 144 11.40 23.98 -7.56
C ARG B 144 10.75 25.07 -8.39
N THR B 145 11.49 25.75 -9.28
CA THR B 145 10.79 26.67 -10.18
C THR B 145 9.87 25.93 -11.16
N LYS B 146 10.00 24.60 -11.28
CA LYS B 146 9.12 23.82 -12.13
C LYS B 146 8.04 23.06 -11.36
N CYS B 147 8.07 23.05 -10.04
CA CYS B 147 7.24 22.14 -9.26
C CYS B 147 5.80 22.63 -9.14
N LEU B 148 4.86 21.76 -9.53
CA LEU B 148 3.42 22.03 -9.49
C LEU B 148 2.76 21.63 -8.15
N LEU B 149 3.53 21.08 -7.20
CA LEU B 149 3.00 20.64 -5.91
C LEU B 149 1.85 19.66 -6.09
N CYS B 150 1.99 18.77 -7.08
CA CYS B 150 0.98 17.79 -7.46
C CYS B 150 1.05 16.53 -6.62
N GLY B 151 2.12 16.34 -5.86
CA GLY B 151 2.22 15.21 -4.96
C GLY B 151 2.54 13.87 -5.59
N ARG B 152 2.72 13.81 -6.92
CA ARG B 152 2.93 12.53 -7.57
C ARG B 152 4.20 11.85 -7.10
N CYS B 153 5.26 12.63 -6.84
CA CYS B 153 6.53 12.09 -6.37
C CYS B 153 6.41 11.53 -4.95
N VAL B 154 5.67 12.23 -4.08
CA VAL B 154 5.46 11.81 -2.70
C VAL B 154 4.65 10.51 -2.66
N ASN B 155 3.58 10.45 -3.44
CA ASN B 155 2.80 9.22 -3.52
C ASN B 155 3.63 8.09 -4.12
N ALA B 156 4.42 8.38 -5.16
CA ALA B 156 5.21 7.32 -5.77
C ALA B 156 6.28 6.83 -4.81
N CYS B 157 6.89 7.74 -4.02
CA CYS B 157 7.88 7.29 -3.05
C CYS B 157 7.24 6.38 -2.01
N GLY B 158 6.09 6.80 -1.46
CA GLY B 158 5.39 5.98 -0.49
C GLY B 158 4.98 4.62 -1.04
N LYS B 159 4.42 4.59 -2.25
CA LYS B 159 3.93 3.32 -2.77
C LYS B 159 5.07 2.40 -3.21
N ASN B 160 6.13 2.97 -3.80
CA ASN B 160 7.20 2.14 -4.33
C ASN B 160 8.20 1.71 -3.27
N THR B 161 8.43 2.56 -2.26
CA THR B 161 9.47 2.28 -1.28
C THR B 161 9.01 2.27 0.16
N GLU B 162 7.88 2.90 0.50
N GLU B 162 7.90 2.94 0.50
CA GLU B 162 7.40 3.11 1.86
CA GLU B 162 7.41 3.11 1.85
C GLU B 162 8.38 3.90 2.73
C GLU B 162 8.37 3.91 2.73
N THR B 163 9.42 4.52 2.16
CA THR B 163 10.30 5.34 2.99
C THR B 163 9.72 6.71 3.27
N TYR B 164 8.95 7.25 2.34
CA TYR B 164 8.47 8.64 2.40
C TYR B 164 9.62 9.61 2.63
N ALA B 165 10.78 9.34 2.02
CA ALA B 165 11.88 10.29 2.13
C ALA B 165 11.55 11.59 1.42
N MET B 166 10.75 11.53 0.37
CA MET B 166 10.21 12.71 -0.29
C MET B 166 8.87 13.09 0.33
N LYS B 167 8.79 14.34 0.80
CA LYS B 167 7.62 14.79 1.54
C LYS B 167 7.23 16.21 1.16
N PHE B 168 6.02 16.59 1.55
CA PHE B 168 5.67 18.00 1.57
C PHE B 168 6.24 18.63 2.83
N LEU B 169 6.75 19.85 2.70
CA LEU B 169 7.35 20.60 3.79
C LEU B 169 6.81 22.01 3.80
N ASN B 170 6.83 22.63 4.98
CA ASN B 170 6.58 24.06 5.10
C ASN B 170 7.91 24.78 5.24
N LYS B 171 8.22 25.63 4.27
CA LYS B 171 9.47 26.41 4.25
C LYS B 171 9.08 27.88 4.25
N ASN B 172 9.28 28.55 5.38
CA ASN B 172 9.02 29.97 5.49
C ASN B 172 7.63 30.33 4.95
N GLY B 173 6.65 29.53 5.35
CA GLY B 173 5.26 29.78 4.99
C GLY B 173 4.84 29.28 3.63
N LYS B 174 5.76 28.77 2.82
CA LYS B 174 5.45 28.25 1.49
C LYS B 174 5.60 26.74 1.47
N THR B 175 4.72 26.09 0.73
CA THR B 175 4.78 24.64 0.60
C THR B 175 5.82 24.27 -0.44
N ILE B 176 6.67 23.29 -0.11
CA ILE B 176 7.63 22.74 -1.06
C ILE B 176 7.64 21.23 -0.89
N ILE B 177 8.28 20.54 -1.84
CA ILE B 177 8.65 19.13 -1.63
C ILE B 177 10.16 19.04 -1.39
N GLY B 178 10.53 18.02 -0.63
CA GLY B 178 11.92 17.79 -0.27
C GLY B 178 12.02 16.73 0.82
N ALA B 179 13.21 16.61 1.38
CA ALA B 179 13.41 15.76 2.53
C ALA B 179 13.23 16.54 3.83
N GLU B 180 12.99 15.80 4.92
CA GLU B 180 12.81 16.42 6.22
C GLU B 180 13.96 17.38 6.50
N ASP B 181 13.61 18.59 6.95
CA ASP B 181 14.57 19.64 7.29
C ASP B 181 15.42 20.05 6.08
N GLU B 182 14.93 19.75 4.88
CA GLU B 182 15.60 20.13 3.64
C GLU B 182 17.01 19.57 3.56
N LYS B 183 17.23 18.41 4.18
CA LYS B 183 18.52 17.73 4.08
C LYS B 183 18.76 17.26 2.65
N CYS B 184 20.04 17.05 2.34
CA CYS B 184 20.36 16.33 1.11
C CYS B 184 19.79 14.92 1.15
N PHE B 185 19.21 14.48 0.04
CA PHE B 185 18.59 13.16 0.03
C PHE B 185 19.58 12.05 0.38
N ASP B 186 20.85 12.21 0.00
CA ASP B 186 21.83 11.16 0.29
C ASP B 186 21.97 10.91 1.79
N ASP B 187 21.68 11.91 2.62
CA ASP B 187 21.84 11.83 4.07
C ASP B 187 20.59 11.29 4.76
N THR B 188 19.56 10.97 4.00
CA THR B 188 18.30 10.47 4.51
C THR B 188 18.21 8.96 4.28
N ASN B 189 17.05 8.39 4.61
CA ASN B 189 16.80 6.98 4.32
C ASN B 189 16.42 6.73 2.87
N CYS B 190 16.39 7.78 2.05
CA CYS B 190 16.14 7.66 0.61
C CYS B 190 17.05 6.63 -0.03
N LEU B 191 16.48 5.83 -0.93
CA LEU B 191 17.21 4.78 -1.64
C LEU B 191 17.86 5.28 -2.91
N LEU B 192 17.57 6.51 -3.31
CA LEU B 192 18.11 7.14 -4.52
C LEU B 192 17.66 6.41 -5.78
N CYS B 193 16.52 5.73 -5.69
CA CYS B 193 15.96 4.92 -6.77
C CYS B 193 15.33 5.74 -7.89
N GLY B 194 15.03 7.02 -7.65
CA GLY B 194 14.50 7.89 -8.69
C GLY B 194 13.08 7.59 -9.14
N GLN B 195 12.31 6.81 -8.36
CA GLN B 195 10.92 6.59 -8.75
C GLN B 195 10.12 7.89 -8.66
N CYS B 196 10.57 8.81 -7.81
CA CYS B 196 9.95 10.13 -7.77
C CYS B 196 10.17 10.89 -9.07
N ILE B 197 11.35 10.73 -9.70
CA ILE B 197 11.59 11.37 -10.99
C ILE B 197 10.64 10.82 -12.04
N ILE B 198 10.51 9.49 -12.09
CA ILE B 198 9.64 8.84 -13.07
C ILE B 198 8.21 9.33 -12.93
N ALA B 199 7.76 9.59 -11.69
CA ALA B 199 6.40 10.05 -11.47
C ALA B 199 6.18 11.52 -11.78
N CYS B 200 7.24 12.28 -11.97
CA CYS B 200 7.09 13.73 -12.05
C CYS B 200 6.66 14.15 -13.46
N PRO B 201 5.61 14.98 -13.58
CA PRO B 201 5.12 15.38 -14.92
C PRO B 201 5.93 16.48 -15.58
N VAL B 202 6.89 17.06 -14.88
CA VAL B 202 7.64 18.23 -15.33
C VAL B 202 9.11 18.04 -14.99
N ALA B 203 9.92 19.07 -15.21
CA ALA B 203 11.36 18.96 -14.96
C ALA B 203 11.73 19.40 -13.55
N ALA B 204 10.85 19.21 -12.58
CA ALA B 204 11.20 19.60 -11.21
C ALA B 204 12.16 18.63 -10.55
N LEU B 205 12.13 17.37 -10.93
CA LEU B 205 13.08 16.37 -10.46
C LEU B 205 13.84 15.84 -11.66
N SER B 206 15.14 15.67 -11.49
CA SER B 206 15.99 15.11 -12.53
C SER B 206 17.04 14.22 -11.89
N GLU B 207 17.82 13.55 -12.75
CA GLU B 207 19.03 12.90 -12.31
C GLU B 207 20.13 13.93 -12.13
N LYS B 208 21.08 13.61 -11.25
CA LYS B 208 22.31 14.38 -11.13
C LYS B 208 23.16 14.14 -12.37
N SER B 209 23.39 15.18 -13.17
CA SER B 209 24.05 15.00 -14.46
C SER B 209 25.50 14.57 -14.31
N HIS B 210 25.89 13.58 -15.11
CA HIS B 210 27.29 13.22 -15.32
C HIS B 210 27.74 13.57 -16.74
N MET B 211 26.91 14.29 -17.50
CA MET B 211 27.22 14.55 -18.90
C MET B 211 28.52 15.34 -19.06
N ASP B 212 28.79 16.29 -18.15
CA ASP B 212 30.03 17.05 -18.28
C ASP B 212 31.24 16.20 -17.98
N ARG B 213 31.13 15.27 -17.02
CA ARG B 213 32.21 14.33 -16.79
C ARG B 213 32.58 13.60 -18.07
N VAL B 214 31.55 13.08 -18.75
CA VAL B 214 31.78 12.27 -19.94
C VAL B 214 32.36 13.12 -21.05
N LYS B 215 31.75 14.29 -21.28
CA LYS B 215 32.21 15.16 -22.37
C LYS B 215 33.65 15.60 -22.16
N ASN B 216 34.02 15.93 -20.93
CA ASN B 216 35.38 16.37 -20.68
C ASN B 216 36.37 15.24 -20.89
N ALA B 217 36.01 14.01 -20.50
CA ALA B 217 36.89 12.87 -20.75
C ALA B 217 37.00 12.58 -22.24
N LEU B 218 35.88 12.61 -22.96
CA LEU B 218 35.94 12.38 -24.41
C LEU B 218 36.89 13.38 -25.08
N ASN B 219 36.89 14.62 -24.61
CA ASN B 219 37.67 15.69 -25.22
C ASN B 219 39.10 15.77 -24.69
N ALA B 220 39.42 15.08 -23.61
CA ALA B 220 40.79 15.07 -23.08
C ALA B 220 41.66 14.23 -24.01
N PRO B 221 42.74 14.75 -24.56
CA PRO B 221 43.45 13.97 -25.58
C PRO B 221 43.98 12.65 -25.06
N GLU B 222 44.42 12.59 -23.81
CA GLU B 222 45.10 11.42 -23.28
C GLU B 222 44.15 10.39 -22.66
N LYS B 223 42.88 10.72 -22.49
CA LYS B 223 41.95 9.78 -21.89
C LYS B 223 41.43 8.81 -22.94
N HIS B 224 41.37 7.53 -22.56
CA HIS B 224 40.79 6.44 -23.33
C HIS B 224 39.45 6.11 -22.67
N VAL B 225 38.35 6.51 -23.30
CA VAL B 225 37.02 6.46 -22.68
C VAL B 225 36.33 5.18 -23.12
N ILE B 226 36.16 4.26 -22.16
CA ILE B 226 35.39 3.05 -22.32
C ILE B 226 33.93 3.38 -22.02
N VAL B 227 33.00 2.82 -22.77
CA VAL B 227 31.60 2.89 -22.40
C VAL B 227 30.99 1.49 -22.38
N ALA B 228 30.07 1.28 -21.43
CA ALA B 228 29.39 0.00 -21.34
C ALA B 228 27.97 0.24 -20.84
N MET B 229 26.98 -0.32 -21.55
CA MET B 229 25.59 -0.12 -21.17
C MET B 229 25.00 -1.29 -20.37
N ALA B 230 24.08 -0.95 -19.49
CA ALA B 230 23.32 -1.92 -18.71
C ALA B 230 22.38 -2.76 -19.57
N PRO B 231 21.96 -3.93 -19.08
CA PRO B 231 20.96 -4.74 -19.79
C PRO B 231 19.78 -3.92 -20.31
N SER B 232 19.18 -3.10 -19.45
CA SER B 232 17.89 -2.50 -19.77
C SER B 232 17.96 -1.44 -20.85
N VAL B 233 19.13 -0.84 -21.07
CA VAL B 233 19.22 0.32 -21.96
C VAL B 233 18.79 -0.05 -23.37
N ARG B 234 19.22 -1.23 -23.85
CA ARG B 234 18.93 -1.67 -25.21
C ARG B 234 17.47 -2.01 -25.43
N ALA B 235 16.68 -2.15 -24.36
CA ALA B 235 15.26 -2.43 -24.43
C ALA B 235 14.40 -1.19 -24.25
N SER B 236 15.01 0.00 -24.08
N SER B 236 15.00 0.00 -24.11
CA SER B 236 14.29 1.18 -23.61
CA SER B 236 14.24 1.16 -23.70
C SER B 236 14.58 2.46 -24.39
C SER B 236 14.57 2.46 -24.43
N ILE B 237 15.83 2.69 -24.80
CA ILE B 237 16.21 4.02 -25.27
C ILE B 237 15.55 4.37 -26.60
N GLY B 238 15.16 3.37 -27.40
CA GLY B 238 14.43 3.66 -28.63
C GLY B 238 13.13 4.43 -28.41
N GLU B 239 12.54 4.30 -27.23
CA GLU B 239 11.34 5.07 -26.92
C GLU B 239 11.53 6.56 -27.11
N LEU B 240 12.75 7.07 -26.84
CA LEU B 240 13.04 8.49 -26.94
C LEU B 240 13.44 8.92 -28.35
N PHE B 241 13.46 7.99 -29.30
CA PHE B 241 13.73 8.31 -30.69
C PHE B 241 12.54 7.92 -31.59
N ASN B 242 11.35 7.95 -31.00
CA ASN B 242 10.08 7.73 -31.69
C ASN B 242 10.00 6.34 -32.34
N MET B 243 10.73 5.36 -31.81
CA MET B 243 10.69 4.02 -32.39
C MET B 243 9.62 3.13 -31.77
N GLY B 244 8.90 3.61 -30.76
CA GLY B 244 7.91 2.81 -30.08
C GLY B 244 8.48 2.04 -28.89
N PHE B 245 7.67 1.12 -28.38
CA PHE B 245 7.98 0.33 -27.18
C PHE B 245 8.39 -1.09 -27.54
N GLY B 246 9.30 -1.64 -26.71
CA GLY B 246 9.70 -3.03 -26.84
C GLY B 246 10.63 -3.30 -28.00
N VAL B 247 11.41 -2.32 -28.42
CA VAL B 247 12.28 -2.45 -29.58
C VAL B 247 13.71 -2.72 -29.12
N ASP B 248 14.33 -3.76 -29.65
CA ASP B 248 15.71 -4.10 -29.35
C ASP B 248 16.62 -3.24 -30.23
N VAL B 249 17.31 -2.26 -29.63
CA VAL B 249 18.16 -1.37 -30.38
C VAL B 249 19.63 -1.51 -30.02
N THR B 250 20.03 -2.73 -29.60
CA THR B 250 21.40 -2.98 -29.17
C THR B 250 22.42 -2.49 -30.20
N GLY B 251 22.28 -2.96 -31.45
CA GLY B 251 23.28 -2.64 -32.47
C GLY B 251 23.33 -1.17 -32.82
N LYS B 252 22.19 -0.48 -32.78
CA LYS B 252 22.19 0.95 -33.02
C LYS B 252 22.92 1.70 -31.92
N ILE B 253 22.76 1.25 -30.67
CA ILE B 253 23.47 1.89 -29.56
C ILE B 253 24.98 1.79 -29.77
N TYR B 254 25.47 0.61 -30.16
CA TYR B 254 26.91 0.44 -30.34
C TYR B 254 27.43 1.42 -31.39
N THR B 255 26.69 1.58 -32.49
CA THR B 255 27.09 2.52 -33.52
C THR B 255 27.05 3.95 -33.00
N ALA B 256 25.96 4.30 -32.31
CA ALA B 256 25.84 5.67 -31.80
C ALA B 256 26.96 6.00 -30.85
N LEU B 257 27.38 5.03 -30.03
CA LEU B 257 28.45 5.28 -29.06
C LEU B 257 29.77 5.53 -29.76
N ARG B 258 30.06 4.80 -30.84
CA ARG B 258 31.24 5.11 -31.64
C ARG B 258 31.15 6.51 -32.22
N GLN B 259 29.98 6.89 -32.75
CA GLN B 259 29.85 8.22 -33.33
C GLN B 259 29.95 9.32 -32.29
N LEU B 260 29.66 9.03 -31.01
CA LEU B 260 29.89 10.01 -29.94
C LEU B 260 31.37 10.16 -29.61
N GLY B 261 32.23 9.26 -30.08
CA GLY B 261 33.66 9.38 -29.86
C GLY B 261 34.24 8.50 -28.79
N PHE B 262 33.44 7.63 -28.19
CA PHE B 262 33.97 6.68 -27.23
C PHE B 262 35.03 5.81 -27.90
N ASP B 263 36.04 5.42 -27.10
CA ASP B 263 37.25 4.78 -27.63
C ASP B 263 37.20 3.26 -27.56
N LYS B 264 36.28 2.72 -26.75
CA LYS B 264 36.09 1.28 -26.69
C LYS B 264 34.65 1.03 -26.29
N ILE B 265 34.00 0.10 -26.98
CA ILE B 265 32.58 -0.18 -26.81
C ILE B 265 32.47 -1.56 -26.15
N PHE B 266 32.18 -1.59 -24.85
CA PHE B 266 32.02 -2.83 -24.12
C PHE B 266 30.54 -2.92 -23.69
N ASP B 267 30.24 -3.77 -22.70
CA ASP B 267 28.84 -3.99 -22.33
C ASP B 267 28.79 -4.45 -20.87
N ILE B 268 27.91 -3.85 -20.07
CA ILE B 268 27.78 -4.28 -18.68
C ILE B 268 27.22 -5.69 -18.56
N ASN B 269 26.58 -6.21 -19.62
CA ASN B 269 26.16 -7.61 -19.59
C ASN B 269 27.36 -8.55 -19.43
N PHE B 270 28.54 -8.14 -19.91
CA PHE B 270 29.77 -8.87 -19.63
C PHE B 270 30.07 -8.84 -18.12
N GLY B 271 29.89 -7.68 -17.49
CA GLY B 271 29.99 -7.61 -16.05
C GLY B 271 28.93 -8.44 -15.33
N ALA B 272 27.73 -8.55 -15.92
CA ALA B 272 26.73 -9.40 -15.30
C ALA B 272 27.20 -10.86 -15.26
N ASP B 273 27.76 -11.36 -16.37
CA ASP B 273 28.34 -12.71 -16.35
C ASP B 273 29.45 -12.83 -15.30
N MET B 274 30.25 -11.76 -15.11
CA MET B 274 31.27 -11.75 -14.05
C MET B 274 30.63 -11.90 -12.67
N THR B 275 29.64 -11.05 -12.36
CA THR B 275 28.95 -11.14 -11.07
C THR B 275 28.43 -12.54 -10.84
N ILE B 276 27.88 -13.19 -11.87
CA ILE B 276 27.37 -14.55 -11.72
C ILE B 276 28.52 -15.52 -11.42
N MET B 277 29.62 -15.40 -12.16
CA MET B 277 30.79 -16.24 -11.86
C MET B 277 31.13 -16.18 -10.37
N GLU B 278 31.24 -14.97 -9.82
CA GLU B 278 31.62 -14.81 -8.43
C GLU B 278 30.49 -15.23 -7.49
N GLU B 279 29.27 -14.77 -7.76
CA GLU B 279 28.17 -15.00 -6.83
C GLU B 279 27.65 -16.42 -6.85
N ALA B 280 27.57 -17.05 -8.03
CA ALA B 280 27.20 -18.45 -8.07
C ALA B 280 28.24 -19.31 -7.35
N THR B 281 29.53 -18.96 -7.51
CA THR B 281 30.57 -19.65 -6.75
C THR B 281 30.36 -19.47 -5.25
N GLU B 282 30.03 -18.25 -4.81
CA GLU B 282 29.79 -18.00 -3.39
C GLU B 282 28.59 -18.79 -2.90
N LEU B 283 27.54 -18.88 -3.73
CA LEU B 283 26.38 -19.66 -3.32
C LEU B 283 26.74 -21.13 -3.12
N VAL B 284 27.50 -21.72 -4.05
CA VAL B 284 27.89 -23.10 -3.91
C VAL B 284 28.80 -23.30 -2.70
N GLN B 285 29.66 -22.33 -2.40
CA GLN B 285 30.48 -22.43 -1.20
C GLN B 285 29.61 -22.41 0.05
N ARG B 286 28.60 -21.53 0.09
CA ARG B 286 27.70 -21.50 1.25
C ARG B 286 26.94 -22.81 1.37
N ILE B 287 26.50 -23.37 0.25
CA ILE B 287 25.82 -24.66 0.29
C ILE B 287 26.75 -25.72 0.90
N GLU B 288 28.00 -25.75 0.43
CA GLU B 288 28.94 -26.75 0.95
C GLU B 288 29.24 -26.55 2.43
N ASN B 289 29.18 -25.30 2.90
CA ASN B 289 29.50 -24.98 4.28
C ASN B 289 28.26 -24.82 5.15
N ASN B 290 27.09 -25.18 4.63
CA ASN B 290 25.83 -25.10 5.40
C ASN B 290 25.53 -23.67 5.83
N GLY B 291 25.92 -22.71 5.00
CA GLY B 291 25.59 -21.33 5.23
C GLY B 291 26.83 -20.46 5.25
N PRO B 292 26.70 -19.27 5.83
CA PRO B 292 25.46 -18.75 6.44
C PRO B 292 24.35 -18.49 5.42
N PHE B 293 23.11 -18.62 5.85
CA PHE B 293 21.93 -18.42 5.01
C PHE B 293 21.00 -17.42 5.67
N PRO B 294 20.21 -16.68 4.88
CA PRO B 294 20.27 -16.61 3.41
C PRO B 294 21.42 -15.73 2.94
N MET B 295 21.85 -15.97 1.70
CA MET B 295 22.62 -14.98 0.97
C MET B 295 21.66 -14.09 0.18
N PHE B 296 21.91 -12.78 0.21
CA PHE B 296 21.15 -11.82 -0.58
C PHE B 296 22.00 -11.30 -1.73
N THR B 297 21.36 -11.00 -2.86
CA THR B 297 22.03 -10.27 -3.92
C THR B 297 22.50 -8.91 -3.39
N SER B 298 23.51 -8.34 -4.08
CA SER B 298 24.12 -7.09 -3.64
C SER B 298 24.26 -6.10 -4.79
N CYS B 299 23.60 -6.36 -5.92
CA CYS B 299 23.83 -5.66 -7.17
C CYS B 299 22.95 -4.42 -7.34
N CYS B 300 21.93 -4.28 -6.53
CA CYS B 300 21.04 -3.12 -6.64
C CYS B 300 21.37 -2.12 -5.54
N PRO B 301 21.90 -0.94 -5.88
CA PRO B 301 22.35 0.01 -4.83
C PRO B 301 21.20 0.64 -4.07
N GLY B 302 19.98 0.60 -4.61
CA GLY B 302 18.81 0.99 -3.85
C GLY B 302 18.55 0.04 -2.70
N TRP B 303 18.62 -1.27 -2.99
CA TRP B 303 18.48 -2.29 -1.96
C TRP B 303 19.63 -2.20 -0.95
N VAL B 304 20.85 -1.98 -1.43
CA VAL B 304 21.97 -1.86 -0.49
C VAL B 304 21.71 -0.73 0.49
N ARG B 305 21.25 0.42 0.00
CA ARG B 305 20.93 1.53 0.89
C ARG B 305 19.77 1.18 1.81
N GLN B 306 18.79 0.42 1.31
CA GLN B 306 17.68 0.00 2.16
C GLN B 306 18.19 -0.88 3.30
N ALA B 307 19.06 -1.83 2.98
CA ALA B 307 19.66 -2.69 4.02
C ALA B 307 20.47 -1.86 4.99
N GLU B 308 21.34 -0.98 4.48
CA GLU B 308 22.15 -0.13 5.35
C GLU B 308 21.26 0.70 6.29
N ASN B 309 20.16 1.24 5.76
CA ASN B 309 19.35 2.21 6.49
C ASN B 309 18.32 1.56 7.40
N TYR B 310 17.90 0.32 7.10
CA TYR B 310 16.80 -0.30 7.83
C TYR B 310 17.09 -1.71 8.35
N TYR B 311 18.03 -2.44 7.75
CA TYR B 311 18.31 -3.83 8.13
C TYR B 311 19.83 -4.05 8.15
N PRO B 312 20.56 -3.25 8.91
CA PRO B 312 22.04 -3.40 8.90
C PRO B 312 22.50 -4.77 9.35
N GLU B 313 21.71 -5.48 10.15
CA GLU B 313 22.07 -6.84 10.53
C GLU B 313 22.12 -7.79 9.35
N LEU B 314 21.58 -7.43 8.19
CA LEU B 314 21.64 -8.31 7.03
C LEU B 314 22.86 -8.07 6.17
N LEU B 315 23.66 -7.04 6.48
CA LEU B 315 24.72 -6.65 5.56
C LEU B 315 25.76 -7.75 5.40
N ASN B 316 26.02 -8.52 6.46
CA ASN B 316 26.99 -9.59 6.33
C ASN B 316 26.47 -10.74 5.47
N ASN B 317 25.17 -10.76 5.20
CA ASN B 317 24.56 -11.77 4.35
C ASN B 317 24.50 -11.38 2.87
N LEU B 318 24.82 -10.13 2.53
CA LEU B 318 24.86 -9.75 1.12
C LEU B 318 26.03 -10.46 0.45
N SER B 319 25.80 -10.97 -0.75
CA SER B 319 26.91 -11.49 -1.55
C SER B 319 28.02 -10.45 -1.64
N SER B 320 29.27 -10.92 -1.53
CA SER B 320 30.41 -10.01 -1.64
C SER B 320 30.78 -9.71 -3.09
N ALA B 321 30.20 -10.39 -4.07
CA ALA B 321 30.47 -10.04 -5.46
C ALA B 321 30.09 -8.57 -5.69
N LYS B 322 30.96 -7.83 -6.37
CA LYS B 322 30.58 -6.50 -6.81
C LYS B 322 29.43 -6.58 -7.81
N SER B 323 28.69 -5.48 -7.93
CA SER B 323 27.65 -5.40 -8.95
C SER B 323 28.27 -5.45 -10.34
N PRO B 324 27.48 -5.82 -11.36
CA PRO B 324 28.01 -5.80 -12.73
C PRO B 324 28.70 -4.49 -13.07
N GLN B 325 28.13 -3.36 -12.67
CA GLN B 325 28.78 -2.08 -12.94
C GLN B 325 30.15 -1.99 -12.28
N GLN B 326 30.23 -2.24 -10.97
CA GLN B 326 31.49 -2.04 -10.28
C GLN B 326 32.49 -3.15 -10.59
N ILE B 327 32.01 -4.37 -10.82
CA ILE B 327 32.90 -5.49 -11.11
C ILE B 327 33.52 -5.28 -12.49
N PHE B 328 32.71 -4.77 -13.43
CA PHE B 328 33.22 -4.40 -14.74
C PHE B 328 34.26 -3.30 -14.61
N GLY B 329 33.94 -2.26 -13.84
CA GLY B 329 34.84 -1.14 -13.68
C GLY B 329 36.18 -1.57 -13.13
N THR B 330 36.17 -2.42 -12.11
CA THR B 330 37.40 -2.93 -11.52
C THR B 330 38.26 -3.61 -12.58
N ALA B 331 37.63 -4.49 -13.36
CA ALA B 331 38.34 -5.19 -14.43
C ALA B 331 38.83 -4.23 -15.50
N SER B 332 38.10 -3.14 -15.74
CA SER B 332 38.49 -2.21 -16.80
C SER B 332 39.78 -1.45 -16.48
N LYS B 333 40.17 -1.40 -15.22
CA LYS B 333 41.39 -0.71 -14.80
C LYS B 333 42.55 -1.67 -14.55
N THR B 334 42.33 -2.98 -14.65
CA THR B 334 43.32 -3.98 -14.28
C THR B 334 43.52 -4.92 -15.46
N TYR B 335 42.51 -5.77 -15.71
CA TYR B 335 42.57 -6.68 -16.85
C TYR B 335 42.68 -5.93 -18.17
N TYR B 336 41.83 -4.95 -18.40
CA TYR B 336 41.83 -4.34 -19.74
C TYR B 336 43.17 -3.73 -20.11
N PRO B 337 43.85 -2.96 -19.24
CA PRO B 337 45.20 -2.50 -19.62
C PRO B 337 46.14 -3.65 -19.94
N SER B 338 45.98 -4.79 -19.27
CA SER B 338 46.88 -5.92 -19.49
C SER B 338 46.72 -6.55 -20.87
N ILE B 339 45.59 -6.36 -21.54
CA ILE B 339 45.36 -6.91 -22.88
C ILE B 339 45.34 -5.82 -23.95
N SER B 340 45.70 -4.58 -23.60
CA SER B 340 45.54 -3.46 -24.52
C SER B 340 46.78 -2.57 -24.58
N GLY B 341 47.54 -2.49 -23.49
CA GLY B 341 48.65 -1.56 -23.41
C GLY B 341 48.31 -0.19 -22.86
N LEU B 342 47.04 0.08 -22.58
CA LEU B 342 46.68 1.38 -22.02
C LEU B 342 47.32 1.55 -20.64
N ASP B 343 47.81 2.75 -20.38
CA ASP B 343 48.20 3.12 -19.01
C ASP B 343 46.92 3.16 -18.17
N PRO B 344 46.81 2.38 -17.09
CA PRO B 344 45.53 2.37 -16.33
C PRO B 344 45.05 3.73 -15.90
N LYS B 345 45.94 4.67 -15.59
CA LYS B 345 45.50 5.98 -15.15
C LYS B 345 44.80 6.76 -16.24
N ASN B 346 44.97 6.36 -17.51
CA ASN B 346 44.33 7.09 -18.60
C ASN B 346 43.01 6.47 -19.03
N VAL B 347 42.65 5.31 -18.47
CA VAL B 347 41.36 4.69 -18.76
C VAL B 347 40.29 5.41 -17.95
N PHE B 348 39.21 5.80 -18.63
CA PHE B 348 38.08 6.49 -18.02
C PHE B 348 36.85 5.69 -18.39
N THR B 349 36.17 5.15 -17.38
CA THR B 349 35.13 4.14 -17.63
C THR B 349 33.76 4.73 -17.33
N VAL B 350 32.90 4.69 -18.34
CA VAL B 350 31.56 5.26 -18.31
C VAL B 350 30.56 4.12 -18.44
N THR B 351 29.53 4.11 -17.57
CA THR B 351 28.40 3.23 -17.80
C THR B 351 27.16 4.03 -18.16
N VAL B 352 26.25 3.34 -18.86
CA VAL B 352 24.92 3.86 -19.16
C VAL B 352 23.95 2.97 -18.40
N MET B 353 23.18 3.58 -17.52
N MET B 353 23.13 3.58 -17.55
CA MET B 353 22.32 2.86 -16.58
CA MET B 353 22.31 2.85 -16.62
C MET B 353 20.88 3.33 -16.63
C MET B 353 20.87 3.32 -16.68
N PRO B 354 19.93 2.42 -16.39
CA PRO B 354 18.52 2.83 -16.26
C PRO B 354 18.19 3.42 -14.89
N CYS B 355 19.19 3.94 -14.19
CA CYS B 355 19.15 3.98 -12.74
C CYS B 355 19.89 5.20 -12.24
N THR B 356 19.30 5.90 -11.27
CA THR B 356 19.98 7.02 -10.60
C THR B 356 20.84 6.57 -9.42
N SER B 357 20.45 5.50 -8.72
N SER B 357 20.45 5.50 -8.72
CA SER B 357 21.22 5.03 -7.57
CA SER B 357 21.24 5.06 -7.56
C SER B 357 22.61 4.56 -7.98
C SER B 357 22.62 4.56 -7.97
N LYS B 358 22.78 4.11 -9.22
CA LYS B 358 24.08 3.71 -9.73
C LYS B 358 25.10 4.85 -9.72
N LYS B 359 24.66 6.10 -9.81
CA LYS B 359 25.62 7.20 -9.66
C LYS B 359 26.18 7.23 -8.23
N PHE B 360 25.32 7.02 -7.23
CA PHE B 360 25.80 6.94 -5.86
C PHE B 360 26.76 5.78 -5.68
N GLU B 361 26.44 4.61 -6.24
CA GLU B 361 27.32 3.46 -6.13
C GLU B 361 28.69 3.76 -6.71
N ALA B 362 28.73 4.34 -7.91
CA ALA B 362 29.99 4.58 -8.60
C ALA B 362 30.84 5.60 -7.86
N ASP B 363 30.20 6.49 -7.10
CA ASP B 363 30.92 7.54 -6.37
C ASP B 363 31.19 7.15 -4.91
N ARG B 364 30.99 5.88 -4.52
CA ARG B 364 31.28 5.46 -3.15
C ARG B 364 32.78 5.56 -2.88
N PRO B 365 33.20 6.10 -1.73
CA PRO B 365 34.64 6.33 -1.51
C PRO B 365 35.52 5.10 -1.74
N GLN B 366 35.10 3.92 -1.32
CA GLN B 366 35.97 2.75 -1.40
C GLN B 366 35.80 1.95 -2.69
N MET B 367 35.01 2.43 -3.66
CA MET B 367 34.89 1.75 -4.94
C MET B 367 36.02 2.21 -5.87
N GLU B 368 37.23 1.87 -5.45
CA GLU B 368 38.45 2.24 -6.14
C GLU B 368 39.57 1.36 -5.61
N LYS B 369 40.69 1.34 -6.35
CA LYS B 369 41.84 0.55 -5.95
C LYS B 369 43.09 1.25 -6.45
N ASP B 370 44.06 1.45 -5.55
CA ASP B 370 45.35 2.05 -5.90
C ASP B 370 45.17 3.36 -6.67
N GLY B 371 44.16 4.13 -6.27
CA GLY B 371 43.90 5.43 -6.84
C GLY B 371 43.00 5.45 -8.05
N LEU B 372 42.61 4.29 -8.57
CA LEU B 372 41.81 4.23 -9.80
C LEU B 372 40.37 3.92 -9.44
N ARG B 373 39.45 4.82 -9.81
CA ARG B 373 38.03 4.55 -9.61
C ARG B 373 37.63 3.33 -10.42
N ASP B 374 36.78 2.48 -9.86
CA ASP B 374 36.18 1.43 -10.68
C ASP B 374 35.47 2.04 -11.86
N ILE B 375 34.62 3.04 -11.60
CA ILE B 375 33.73 3.67 -12.57
C ILE B 375 33.85 5.18 -12.40
N ASP B 376 34.18 5.88 -13.49
CA ASP B 376 34.40 7.31 -13.45
C ASP B 376 33.18 8.15 -13.73
N ALA B 377 32.18 7.60 -14.44
CA ALA B 377 30.95 8.32 -14.70
C ALA B 377 29.84 7.34 -15.03
N VAL B 378 28.62 7.73 -14.67
CA VAL B 378 27.40 6.99 -14.95
C VAL B 378 26.40 7.96 -15.56
N ILE B 379 25.94 7.69 -16.78
CA ILE B 379 24.87 8.48 -17.38
C ILE B 379 23.62 7.60 -17.48
N THR B 380 22.45 8.19 -17.23
CA THR B 380 21.21 7.45 -17.35
C THR B 380 20.85 7.22 -18.83
N THR B 381 19.84 6.36 -19.03
CA THR B 381 19.27 6.19 -20.36
C THR B 381 18.88 7.53 -20.95
N ARG B 382 18.25 8.39 -20.14
CA ARG B 382 17.83 9.70 -20.62
C ARG B 382 19.04 10.57 -20.98
N GLU B 383 20.10 10.51 -20.19
CA GLU B 383 21.27 11.33 -20.48
C GLU B 383 21.92 10.89 -21.79
N LEU B 384 22.02 9.58 -22.01
CA LEU B 384 22.58 9.10 -23.27
C LEU B 384 21.76 9.60 -24.45
N ALA B 385 20.43 9.50 -24.36
CA ALA B 385 19.57 9.99 -25.44
C ALA B 385 19.85 11.46 -25.72
N LYS B 386 19.99 12.28 -24.67
CA LYS B 386 20.26 13.69 -24.89
C LYS B 386 21.59 13.89 -25.60
N MET B 387 22.61 13.16 -25.19
CA MET B 387 23.92 13.28 -25.81
C MET B 387 23.87 12.91 -27.29
N ILE B 388 23.16 11.83 -27.62
CA ILE B 388 23.02 11.41 -29.01
C ILE B 388 22.32 12.50 -29.82
N LYS B 389 21.21 13.02 -29.30
CA LYS B 389 20.47 14.08 -29.97
C LYS B 389 21.33 15.33 -30.15
N ASP B 390 22.03 15.75 -29.10
CA ASP B 390 22.86 16.95 -29.19
C ASP B 390 23.95 16.81 -30.24
N ALA B 391 24.48 15.60 -30.43
CA ALA B 391 25.54 15.35 -31.40
C ALA B 391 25.03 15.13 -32.81
N LYS B 392 23.73 15.31 -33.02
CA LYS B 392 23.10 15.16 -34.34
C LYS B 392 23.36 13.79 -34.95
N ILE B 393 23.33 12.77 -34.09
CA ILE B 393 23.45 11.37 -34.53
C ILE B 393 22.08 10.87 -34.91
N PRO B 394 21.88 10.34 -36.13
CA PRO B 394 20.52 9.91 -36.57
C PRO B 394 20.18 8.50 -36.08
N PHE B 395 19.89 8.42 -34.77
CA PHE B 395 19.83 7.15 -34.09
C PHE B 395 18.97 6.13 -34.84
N ALA B 396 17.75 6.51 -35.21
CA ALA B 396 16.80 5.54 -35.76
C ALA B 396 17.19 5.08 -37.15
N LYS B 397 18.15 5.75 -37.79
CA LYS B 397 18.62 5.40 -39.11
C LYS B 397 19.95 4.65 -39.09
N LEU B 398 20.52 4.43 -37.92
CA LEU B 398 21.87 3.90 -37.88
C LEU B 398 21.89 2.42 -38.25
N GLU B 399 23.01 2.02 -38.87
CA GLU B 399 23.33 0.62 -39.08
C GLU B 399 23.76 -0.03 -37.75
N ASP B 400 23.46 -1.30 -37.60
CA ASP B 400 23.96 -2.05 -36.46
C ASP B 400 25.47 -2.25 -36.55
N SER B 401 26.13 -2.19 -35.39
CA SER B 401 27.50 -2.63 -35.23
C SER B 401 27.57 -3.53 -33.99
N GLU B 402 28.77 -4.03 -33.72
CA GLU B 402 29.02 -4.97 -32.63
C GLU B 402 29.86 -4.30 -31.55
N ALA B 403 29.76 -4.84 -30.34
CA ALA B 403 30.67 -4.43 -29.30
C ALA B 403 32.08 -4.97 -29.56
N ASP B 404 33.06 -4.29 -28.98
CA ASP B 404 34.41 -4.86 -28.89
C ASP B 404 34.35 -6.07 -27.95
N PRO B 405 34.81 -7.24 -28.37
CA PRO B 405 34.39 -8.47 -27.68
C PRO B 405 35.07 -8.71 -26.34
N ALA B 406 36.27 -8.17 -26.09
CA ALA B 406 37.05 -8.65 -24.96
C ALA B 406 36.35 -8.42 -23.62
N MET B 407 35.57 -7.34 -23.50
CA MET B 407 34.70 -7.12 -22.35
C MET B 407 33.31 -6.75 -22.82
N GLY B 408 32.89 -7.33 -23.96
CA GLY B 408 31.64 -7.00 -24.61
C GLY B 408 30.75 -8.18 -24.92
N GLU B 409 31.32 -9.38 -25.04
CA GLU B 409 30.50 -10.57 -25.23
C GLU B 409 29.62 -10.77 -24.01
N TYR B 410 28.41 -11.29 -24.23
CA TYR B 410 27.59 -11.70 -23.09
C TYR B 410 26.72 -12.90 -23.40
N SER B 411 26.40 -13.64 -22.35
CA SER B 411 25.52 -14.79 -22.39
C SER B 411 24.08 -14.35 -22.16
N GLY B 412 23.16 -15.26 -22.46
CA GLY B 412 21.76 -15.00 -22.21
C GLY B 412 21.44 -14.82 -20.74
N ALA B 413 22.23 -15.45 -19.86
CA ALA B 413 22.03 -15.28 -18.43
C ALA B 413 22.29 -13.83 -18.02
N GLY B 414 23.38 -13.25 -18.53
CA GLY B 414 23.60 -11.85 -18.26
C GLY B 414 22.57 -10.96 -18.90
N ALA B 415 22.03 -11.38 -20.06
CA ALA B 415 21.09 -10.52 -20.78
C ALA B 415 19.81 -10.25 -19.99
N ILE B 416 19.37 -11.20 -19.17
CA ILE B 416 18.08 -11.05 -18.47
C ILE B 416 18.20 -10.33 -17.13
N PHE B 417 19.39 -9.85 -16.77
CA PHE B 417 19.57 -9.19 -15.47
C PHE B 417 18.59 -8.06 -15.23
N GLY B 418 18.19 -7.34 -16.28
CA GLY B 418 17.38 -6.14 -16.12
C GLY B 418 15.93 -6.38 -15.73
N ALA B 419 15.47 -7.63 -15.71
CA ALA B 419 14.12 -7.96 -15.26
C ALA B 419 14.14 -8.54 -13.86
N THR B 420 13.07 -8.27 -13.09
CA THR B 420 12.92 -8.89 -11.78
C THR B 420 13.00 -10.40 -11.92
N GLY B 421 13.86 -11.02 -11.11
CA GLY B 421 14.10 -12.45 -11.20
C GLY B 421 15.19 -12.85 -12.18
N GLY B 422 15.72 -11.89 -12.96
CA GLY B 422 16.78 -12.20 -13.88
C GLY B 422 18.07 -12.61 -13.21
N VAL B 423 18.49 -11.87 -12.17
CA VAL B 423 19.70 -12.26 -11.45
C VAL B 423 19.54 -13.65 -10.84
N MET B 424 18.40 -13.89 -10.19
CA MET B 424 18.12 -15.21 -9.60
C MET B 424 18.27 -16.32 -10.63
N GLU B 425 17.58 -16.18 -11.76
CA GLU B 425 17.61 -17.21 -12.80
C GLU B 425 19.02 -17.40 -13.35
N ALA B 426 19.70 -16.31 -13.69
CA ALA B 426 21.07 -16.41 -14.19
C ALA B 426 21.98 -17.12 -13.19
N ALA B 427 21.86 -16.76 -11.92
CA ALA B 427 22.71 -17.37 -10.90
C ALA B 427 22.44 -18.85 -10.75
N LEU B 428 21.16 -19.26 -10.76
CA LEU B 428 20.86 -20.67 -10.61
C LEU B 428 21.41 -21.49 -11.77
N ARG B 429 21.41 -20.93 -12.99
CA ARG B 429 21.96 -21.64 -14.14
C ARG B 429 23.43 -22.01 -13.91
N SER B 430 24.21 -21.12 -13.31
CA SER B 430 25.61 -21.44 -13.07
C SER B 430 25.80 -22.23 -11.78
N ALA B 431 25.08 -21.87 -10.72
CA ALA B 431 25.28 -22.55 -9.45
C ALA B 431 24.96 -24.05 -9.56
N LYS B 432 23.92 -24.41 -10.31
CA LYS B 432 23.59 -25.82 -10.40
C LYS B 432 24.65 -26.58 -11.18
N ASP B 433 25.09 -26.03 -12.31
CA ASP B 433 26.19 -26.65 -13.06
C ASP B 433 27.41 -26.81 -12.18
N PHE B 434 27.76 -25.75 -11.42
CA PHE B 434 28.96 -25.77 -10.59
C PHE B 434 28.84 -26.84 -9.51
N ALA B 435 27.73 -26.83 -8.76
CA ALA B 435 27.58 -27.74 -7.64
C ALA B 435 27.48 -29.18 -8.10
N GLU B 436 26.91 -29.43 -9.27
CA GLU B 436 26.75 -30.78 -9.79
C GLU B 436 27.84 -31.19 -10.77
N ASN B 437 28.83 -30.34 -11.00
CA ASN B 437 29.89 -30.60 -11.97
C ASN B 437 29.30 -31.21 -13.24
N ALA B 438 28.33 -30.49 -13.80
CA ALA B 438 27.57 -30.96 -14.94
C ALA B 438 27.27 -29.81 -15.87
N GLU B 439 26.74 -30.14 -17.05
CA GLU B 439 26.32 -29.20 -18.07
C GLU B 439 24.84 -29.47 -18.35
N LEU B 440 23.97 -28.91 -17.51
CA LEU B 440 22.56 -29.25 -17.57
C LEU B 440 21.87 -28.50 -18.71
N GLU B 441 20.87 -29.18 -19.30
CA GLU B 441 20.14 -28.64 -20.43
C GLU B 441 18.93 -27.80 -20.02
N ASP B 442 18.26 -28.15 -18.92
CA ASP B 442 17.11 -27.39 -18.46
C ASP B 442 17.61 -26.20 -17.65
N ILE B 443 17.36 -24.99 -18.16
CA ILE B 443 17.95 -23.78 -17.61
C ILE B 443 16.95 -22.66 -17.39
N GLU B 444 15.68 -22.85 -17.76
CA GLU B 444 14.66 -21.81 -17.63
C GLU B 444 13.93 -21.95 -16.30
N TYR B 445 13.99 -20.89 -15.49
CA TYR B 445 13.38 -20.86 -14.18
C TYR B 445 12.22 -19.86 -14.19
N LYS B 446 11.15 -20.22 -14.91
CA LYS B 446 10.05 -19.29 -15.11
C LYS B 446 9.31 -18.99 -13.81
N GLN B 447 9.47 -19.85 -12.80
CA GLN B 447 8.83 -19.66 -11.51
C GLN B 447 9.26 -18.36 -10.82
N VAL B 448 10.43 -17.83 -11.16
CA VAL B 448 10.92 -16.63 -10.49
C VAL B 448 10.67 -15.36 -11.29
N ARG B 449 10.06 -15.48 -12.48
CA ARG B 449 9.82 -14.37 -13.38
C ARG B 449 8.49 -13.67 -13.07
N GLY B 450 8.33 -12.50 -13.66
CA GLY B 450 7.05 -11.81 -13.65
C GLY B 450 6.92 -10.80 -12.54
N LEU B 451 5.73 -10.20 -12.48
CA LEU B 451 5.54 -8.98 -11.71
C LEU B 451 4.98 -9.18 -10.32
N ASN B 452 4.79 -10.41 -9.85
CA ASN B 452 4.38 -10.57 -8.45
C ASN B 452 5.44 -9.96 -7.53
N GLY B 453 4.98 -9.30 -6.47
CA GLY B 453 5.89 -8.53 -5.61
C GLY B 453 6.86 -9.38 -4.82
N ILE B 454 6.44 -10.57 -4.44
CA ILE B 454 7.24 -11.53 -3.69
C ILE B 454 7.02 -12.89 -4.35
N LYS B 455 8.11 -13.49 -4.86
CA LYS B 455 8.08 -14.74 -5.59
C LYS B 455 9.04 -15.70 -4.90
N GLU B 456 8.68 -17.00 -4.90
CA GLU B 456 9.54 -18.00 -4.28
C GLU B 456 9.56 -19.25 -5.16
N ALA B 457 10.60 -20.05 -4.96
CA ALA B 457 10.73 -21.30 -5.69
C ALA B 457 11.55 -22.26 -4.86
N GLU B 458 11.27 -23.55 -5.04
CA GLU B 458 12.10 -24.62 -4.52
C GLU B 458 12.95 -25.14 -5.69
N VAL B 459 14.25 -25.28 -5.45
CA VAL B 459 15.19 -25.72 -6.48
C VAL B 459 16.01 -26.88 -5.94
N GLU B 460 16.32 -27.83 -6.82
CA GLU B 460 17.07 -29.02 -6.47
C GLU B 460 18.51 -28.86 -6.94
N ILE B 461 19.45 -29.04 -6.01
CA ILE B 461 20.88 -28.95 -6.31
C ILE B 461 21.58 -30.08 -5.55
N ASN B 462 22.26 -30.97 -6.29
CA ASN B 462 22.80 -32.23 -5.73
C ASN B 462 21.77 -32.95 -4.86
N ASN B 463 20.62 -33.22 -5.47
CA ASN B 463 19.55 -33.95 -4.79
C ASN B 463 19.27 -33.39 -3.39
N ASN B 464 19.45 -32.09 -3.22
CA ASN B 464 19.04 -31.38 -2.01
C ASN B 464 18.15 -30.22 -2.43
N LYS B 465 17.11 -29.97 -1.64
CA LYS B 465 16.16 -28.90 -1.95
C LYS B 465 16.60 -27.61 -1.25
N TYR B 466 16.54 -26.51 -1.99
CA TYR B 466 16.83 -25.19 -1.45
C TYR B 466 15.68 -24.26 -1.78
N ASN B 467 15.49 -23.28 -0.91
CA ASN B 467 14.45 -22.28 -1.08
C ASN B 467 15.05 -20.96 -1.53
N VAL B 468 14.48 -20.39 -2.60
CA VAL B 468 14.88 -19.07 -3.06
C VAL B 468 13.66 -18.16 -3.08
N ALA B 469 13.93 -16.86 -3.01
CA ALA B 469 12.89 -15.83 -3.07
C ALA B 469 13.40 -14.70 -3.93
N VAL B 470 12.46 -14.05 -4.62
CA VAL B 470 12.73 -12.88 -5.45
C VAL B 470 11.82 -11.77 -4.96
N ILE B 471 12.43 -10.71 -4.42
CA ILE B 471 11.71 -9.56 -3.87
C ILE B 471 11.75 -8.47 -4.93
N ASN B 472 10.57 -8.04 -5.37
CA ASN B 472 10.38 -7.22 -6.57
C ASN B 472 9.80 -5.89 -6.15
N GLY B 473 10.68 -4.97 -5.75
CA GLY B 473 10.37 -3.64 -5.29
C GLY B 473 10.65 -3.45 -3.81
N ALA B 474 11.11 -2.25 -3.47
CA ALA B 474 11.54 -1.95 -2.10
C ALA B 474 10.40 -2.07 -1.11
N SER B 475 9.19 -1.64 -1.50
CA SER B 475 8.05 -1.83 -0.61
C SER B 475 7.81 -3.30 -0.29
N ASN B 476 8.07 -4.19 -1.23
CA ASN B 476 7.88 -5.61 -0.99
C ASN B 476 8.97 -6.20 -0.11
N LEU B 477 10.17 -5.60 -0.09
CA LEU B 477 11.17 -6.00 0.90
C LEU B 477 10.65 -5.72 2.31
N PHE B 478 10.14 -4.52 2.54
CA PHE B 478 9.52 -4.20 3.82
C PHE B 478 8.39 -5.19 4.15
N LYS B 479 7.54 -5.52 3.19
CA LYS B 479 6.45 -6.46 3.45
C LYS B 479 6.98 -7.84 3.83
N PHE B 480 7.95 -8.33 3.07
CA PHE B 480 8.57 -9.63 3.30
C PHE B 480 9.15 -9.73 4.69
N MET B 481 9.82 -8.68 5.15
CA MET B 481 10.44 -8.70 6.47
C MET B 481 9.41 -8.47 7.57
N LYS B 482 8.62 -7.40 7.47
CA LYS B 482 7.74 -7.00 8.56
C LYS B 482 6.62 -8.01 8.78
N SER B 483 6.18 -8.69 7.72
CA SER B 483 5.13 -9.68 7.84
C SER B 483 5.61 -10.99 8.43
N GLY B 484 6.93 -11.15 8.61
CA GLY B 484 7.52 -12.40 9.02
C GLY B 484 7.54 -13.49 7.97
N MET B 485 7.26 -13.18 6.69
CA MET B 485 7.33 -14.19 5.66
C MET B 485 8.73 -14.80 5.59
N ILE B 486 9.75 -14.00 5.89
CA ILE B 486 11.14 -14.43 5.92
C ILE B 486 11.35 -15.62 6.84
N ASN B 487 10.50 -15.76 7.85
CA ASN B 487 10.72 -16.79 8.85
C ASN B 487 9.80 -18.00 8.70
N GLU B 488 9.07 -18.09 7.59
CA GLU B 488 8.23 -19.25 7.36
C GLU B 488 9.03 -20.49 6.96
N LYS B 489 10.27 -20.31 6.54
CA LYS B 489 11.14 -21.40 6.13
C LYS B 489 12.55 -20.83 6.08
N GLN B 490 13.54 -21.72 5.90
CA GLN B 490 14.90 -21.27 5.72
C GLN B 490 15.08 -20.90 4.26
N TYR B 491 15.32 -19.63 3.98
CA TYR B 491 15.68 -19.19 2.64
C TYR B 491 17.19 -19.25 2.48
N HIS B 492 17.62 -19.72 1.32
CA HIS B 492 19.03 -19.90 1.04
C HIS B 492 19.59 -18.80 0.14
N PHE B 493 18.80 -18.27 -0.77
CA PHE B 493 19.26 -17.25 -1.71
C PHE B 493 18.09 -16.34 -2.04
N ILE B 494 18.29 -15.03 -1.88
CA ILE B 494 17.24 -14.04 -2.03
C ILE B 494 17.72 -12.91 -2.94
N GLU B 495 17.02 -12.70 -4.04
CA GLU B 495 17.21 -11.52 -4.89
C GLU B 495 16.34 -10.37 -4.39
N VAL B 496 16.90 -9.17 -4.34
CA VAL B 496 16.13 -7.97 -4.04
C VAL B 496 16.42 -6.90 -5.10
N MET B 497 15.36 -6.35 -5.68
CA MET B 497 15.42 -5.18 -6.54
C MET B 497 14.56 -4.07 -5.92
N ALA B 498 15.07 -2.85 -5.95
CA ALA B 498 14.35 -1.73 -5.34
C ALA B 498 13.20 -1.23 -6.22
N CYS B 499 13.30 -1.35 -7.54
CA CYS B 499 12.29 -0.86 -8.48
C CYS B 499 11.39 -2.01 -8.91
N HIS B 500 10.08 -1.85 -8.73
CA HIS B 500 9.18 -2.92 -9.15
C HIS B 500 9.24 -3.12 -10.66
N GLY B 501 9.41 -4.39 -11.05
CA GLY B 501 9.71 -4.77 -12.41
C GLY B 501 11.19 -5.05 -12.66
N GLY B 502 12.04 -4.64 -11.74
CA GLY B 502 13.47 -4.71 -11.94
C GLY B 502 13.98 -3.43 -12.61
N CYS B 503 15.23 -3.49 -13.04
CA CYS B 503 15.88 -2.33 -13.60
C CYS B 503 15.19 -1.78 -14.86
N VAL B 504 14.41 -2.60 -15.59
CA VAL B 504 13.73 -2.04 -16.74
C VAL B 504 12.79 -0.92 -16.33
N ASN B 505 12.37 -0.87 -15.06
CA ASN B 505 11.55 0.20 -14.52
C ASN B 505 12.35 1.14 -13.62
N GLY B 506 13.66 1.29 -13.88
CA GLY B 506 14.46 2.12 -13.02
C GLY B 506 14.21 3.62 -13.17
N GLY B 507 14.80 4.36 -12.22
CA GLY B 507 14.59 5.80 -12.10
C GLY B 507 15.34 6.66 -13.10
N GLY B 508 16.20 6.07 -13.92
CA GLY B 508 16.87 6.75 -15.01
C GLY B 508 16.27 6.47 -16.37
N GLN B 509 15.12 5.83 -16.42
CA GLN B 509 14.52 5.38 -17.67
C GLN B 509 13.70 6.49 -18.33
N PRO B 510 13.33 6.30 -19.59
CA PRO B 510 12.50 7.32 -20.28
C PRO B 510 11.17 7.47 -19.55
N HIS B 511 10.74 8.72 -19.43
CA HIS B 511 9.38 8.97 -18.97
C HIS B 511 8.37 8.40 -19.97
N VAL B 512 7.23 7.98 -19.44
CA VAL B 512 6.11 7.46 -20.21
C VAL B 512 4.88 8.26 -19.79
N ASN B 513 4.17 8.80 -20.77
CA ASN B 513 2.98 9.57 -20.46
C ASN B 513 1.94 8.66 -19.80
N PRO B 514 1.24 9.14 -18.75
CA PRO B 514 0.24 8.27 -18.09
C PRO B 514 -0.80 7.72 -19.05
N LYS B 515 -0.97 8.35 -20.22
CA LYS B 515 -1.84 7.80 -21.24
C LYS B 515 -1.26 6.50 -21.79
N ASP B 516 -0.05 6.57 -22.36
CA ASP B 516 0.56 5.38 -22.93
C ASP B 516 0.68 4.27 -21.89
N LEU B 517 0.86 4.64 -20.62
CA LEU B 517 1.01 3.65 -19.56
C LEU B 517 -0.24 2.79 -19.41
N GLU B 518 -1.39 3.29 -19.85
CA GLU B 518 -2.62 2.52 -19.85
C GLU B 518 -2.71 1.59 -21.06
N LYS B 519 -1.99 1.91 -22.14
CA LYS B 519 -1.97 1.08 -23.32
C LYS B 519 -0.91 -0.01 -23.26
N VAL B 520 0.17 0.24 -22.54
CA VAL B 520 1.39 -0.55 -22.62
C VAL B 520 1.80 -0.93 -21.21
N ASP B 521 2.05 -2.22 -21.00
CA ASP B 521 2.67 -2.68 -19.76
C ASP B 521 4.17 -2.47 -19.90
N ILE B 522 4.65 -1.30 -19.46
CA ILE B 522 6.02 -0.91 -19.73
C ILE B 522 6.99 -1.92 -19.12
N LYS B 523 6.68 -2.44 -17.93
CA LYS B 523 7.57 -3.38 -17.25
C LYS B 523 7.73 -4.67 -18.04
N LYS B 524 6.62 -5.21 -18.56
CA LYS B 524 6.67 -6.46 -19.30
C LYS B 524 7.27 -6.27 -20.67
N VAL B 525 6.93 -5.18 -21.34
CA VAL B 525 7.36 -4.99 -22.72
C VAL B 525 8.86 -4.74 -22.79
N ARG B 526 9.41 -3.94 -21.86
CA ARG B 526 10.85 -3.77 -21.82
C ARG B 526 11.55 -5.07 -21.43
N ALA B 527 11.02 -5.80 -20.43
CA ALA B 527 11.65 -7.05 -20.04
C ALA B 527 11.63 -8.07 -21.18
N SER B 528 10.58 -8.07 -22.00
CA SER B 528 10.48 -9.07 -23.07
C SER B 528 11.68 -9.01 -24.02
N VAL B 529 12.24 -7.81 -24.25
CA VAL B 529 13.42 -7.69 -25.12
C VAL B 529 14.57 -8.51 -24.57
N LEU B 530 14.73 -8.48 -23.24
CA LEU B 530 15.83 -9.18 -22.59
C LEU B 530 15.64 -10.70 -22.67
N TYR B 531 14.46 -11.19 -22.31
CA TYR B 531 14.21 -12.62 -22.41
C TYR B 531 14.33 -13.10 -23.85
N ASN B 532 13.94 -12.25 -24.81
CA ASN B 532 14.07 -12.65 -26.21
C ASN B 532 15.53 -12.80 -26.60
N GLN B 533 16.40 -11.92 -26.11
CA GLN B 533 17.82 -12.08 -26.39
C GLN B 533 18.34 -13.40 -25.84
N ASP B 534 17.98 -13.68 -24.58
CA ASP B 534 18.36 -14.95 -23.94
C ASP B 534 17.97 -16.13 -24.82
N GLU B 535 16.73 -16.12 -25.32
CA GLU B 535 16.23 -17.23 -26.11
C GLU B 535 17.04 -17.45 -27.38
N HIS B 536 17.62 -16.40 -27.95
CA HIS B 536 18.28 -16.52 -29.24
C HIS B 536 19.80 -16.62 -29.14
N LEU B 537 20.38 -16.49 -27.96
CA LEU B 537 21.82 -16.57 -27.81
C LEU B 537 22.24 -18.03 -27.73
N SER B 538 23.38 -18.35 -28.38
CA SER B 538 23.84 -19.73 -28.32
C SER B 538 24.36 -20.07 -26.93
N LYS B 539 24.92 -19.10 -26.22
CA LYS B 539 25.41 -19.30 -24.86
C LYS B 539 24.43 -18.65 -23.88
N ARG B 540 23.89 -19.45 -22.98
CA ARG B 540 22.85 -19.00 -22.06
C ARG B 540 23.26 -19.18 -20.62
N LYS B 541 24.54 -19.41 -20.35
CA LYS B 541 25.12 -19.52 -19.01
C LYS B 541 26.34 -18.62 -18.95
N SER B 542 26.47 -17.88 -17.84
CA SER B 542 27.56 -16.93 -17.69
C SER B 542 28.93 -17.60 -17.84
N HIS B 543 29.08 -18.82 -17.33
CA HIS B 543 30.38 -19.50 -17.40
C HIS B 543 30.67 -20.06 -18.80
N GLU B 544 29.79 -19.84 -19.77
CA GLU B 544 30.06 -20.22 -21.16
C GLU B 544 30.48 -19.03 -22.02
N ASN B 545 30.46 -17.81 -21.48
CA ASN B 545 30.97 -16.62 -22.13
C ASN B 545 32.45 -16.79 -22.44
N THR B 546 32.80 -16.90 -23.75
CA THR B 546 34.17 -17.24 -24.14
C THR B 546 35.16 -16.14 -23.79
N ALA B 547 34.81 -14.87 -24.01
CA ALA B 547 35.67 -13.77 -23.59
C ALA B 547 35.88 -13.77 -22.08
N LEU B 548 34.84 -14.08 -21.33
CA LEU B 548 34.98 -14.11 -19.87
C LEU B 548 35.89 -15.25 -19.45
N VAL B 549 35.73 -16.41 -20.06
CA VAL B 549 36.56 -17.56 -19.71
C VAL B 549 38.04 -17.24 -19.97
N LYS B 550 38.33 -16.58 -21.10
CA LYS B 550 39.71 -16.20 -21.37
C LYS B 550 40.23 -15.22 -20.32
N MET B 551 39.37 -14.29 -19.88
CA MET B 551 39.80 -13.34 -18.86
C MET B 551 40.18 -14.03 -17.55
N TYR B 552 39.34 -14.97 -17.10
CA TYR B 552 39.67 -15.68 -15.87
C TYR B 552 40.89 -16.58 -16.06
N GLN B 553 40.96 -17.27 -17.21
CA GLN B 553 42.09 -18.15 -17.47
C GLN B 553 43.41 -17.37 -17.49
N ASN B 554 43.42 -16.19 -18.10
CA ASN B 554 44.66 -15.48 -18.36
C ASN B 554 45.01 -14.46 -17.30
N TYR B 555 44.05 -14.05 -16.46
CA TYR B 555 44.32 -12.93 -15.57
C TYR B 555 43.78 -13.13 -14.15
N PHE B 556 42.49 -13.42 -13.99
CA PHE B 556 41.95 -13.43 -12.63
C PHE B 556 42.13 -14.75 -11.90
N GLY B 557 42.22 -15.86 -12.61
CA GLY B 557 42.32 -17.17 -11.98
C GLY B 557 40.98 -17.79 -11.64
N LYS B 558 40.89 -18.39 -10.47
CA LYS B 558 39.67 -19.09 -10.08
C LYS B 558 38.68 -18.10 -9.48
N PRO B 559 37.42 -18.09 -9.92
CA PRO B 559 36.45 -17.20 -9.30
C PRO B 559 36.29 -17.52 -7.82
N GLY B 560 36.00 -16.46 -7.05
CA GLY B 560 35.78 -16.60 -5.63
C GLY B 560 37.02 -16.83 -4.82
N GLU B 561 38.19 -16.85 -5.46
CA GLU B 561 39.45 -17.15 -4.81
C GLU B 561 40.51 -16.16 -5.27
N GLY B 562 41.61 -16.13 -4.54
CA GLY B 562 42.80 -15.44 -5.01
C GLY B 562 42.53 -14.02 -5.48
N ARG B 563 43.09 -13.69 -6.64
CA ARG B 563 42.96 -12.35 -7.20
C ARG B 563 41.50 -11.97 -7.38
N ALA B 564 40.68 -12.90 -7.87
CA ALA B 564 39.26 -12.63 -8.06
C ALA B 564 38.62 -12.21 -6.74
N HIS B 565 38.82 -12.99 -5.68
CA HIS B 565 38.18 -12.61 -4.43
C HIS B 565 38.73 -11.28 -3.92
N GLU B 566 40.00 -11.01 -4.20
CA GLU B 566 40.64 -9.84 -3.64
C GLU B 566 40.07 -8.54 -4.20
N ILE B 567 39.95 -8.42 -5.51
CA ILE B 567 39.59 -7.13 -6.09
C ILE B 567 38.20 -7.08 -6.70
N LEU B 568 37.56 -8.23 -6.96
CA LEU B 568 36.23 -8.24 -7.56
C LEU B 568 35.11 -8.26 -6.52
N HIS B 569 35.43 -8.15 -5.24
CA HIS B 569 34.45 -8.25 -4.19
C HIS B 569 34.44 -7.00 -3.34
N PHE B 570 33.35 -6.82 -2.61
CA PHE B 570 33.13 -5.65 -1.77
C PHE B 570 32.16 -6.04 -0.67
N LYS B 571 32.55 -5.82 0.58
CA LYS B 571 31.67 -6.10 1.71
C LYS B 571 31.22 -4.80 2.36
N TYR B 572 29.94 -4.76 2.74
CA TYR B 572 29.40 -3.60 3.45
C TYR B 572 29.46 -3.87 4.95
N LYS B 573 29.91 -2.87 5.69
CA LYS B 573 30.24 -3.05 7.10
C LYS B 573 29.58 -1.97 7.93
N LYS B 574 28.86 -2.40 8.96
CA LYS B 574 28.16 -1.49 9.85
C LYS B 574 29.12 -0.52 10.52
N1 MHX C . -16.21 7.17 16.37
C4 MHX C . -19.65 3.28 16.09
C5 MHX C . -19.21 4.06 18.46
C6 MHX C . -18.13 5.59 20.40
C7 MHX C . -20.14 6.39 18.89
FE1 MHX C . -18.12 3.90 16.91
FE2 MHX C . -18.49 5.90 18.54
S1 MHX C . -18.74 6.02 16.22
S2 MHX C . -16.46 4.99 18.01
O3 MHX C . -17.12 1.33 17.90
N4 MHX C . -20.68 2.87 15.57
O5 MHX C . -19.96 3.55 19.24
N6 MHX C . -17.76 5.31 21.42
O7 MHX C . -21.26 6.77 18.96
C3 MHX C . -17.67 2.35 17.50
C2 MHX C . -15.36 6.07 16.91
C1 MHX C . -17.33 6.90 15.43
C MHX C . -17.75 7.54 18.60
O MHX C . -17.49 8.67 18.64
FE1 SF4 D . -13.43 0.75 16.64
FE2 SF4 D . -12.78 0.82 14.03
FE3 SF4 D . -12.19 2.90 15.64
FE4 SF4 D . -14.80 2.41 15.00
S1 SF4 D . -13.17 2.98 13.51
S2 SF4 D . -13.93 2.92 17.08
S3 SF4 D . -14.79 0.16 14.91
S4 SF4 D . -11.32 0.84 15.80
FE1 SF4 E . -5.64 -4.37 13.79
FE2 SF4 E . -3.30 -5.53 12.88
FE3 SF4 E . -5.28 -7.12 13.90
FE4 SF4 E . -3.76 -5.52 15.53
S1 SF4 E . -3.01 -7.27 14.31
S2 SF4 E . -6.07 -5.81 15.58
S3 SF4 E . -3.46 -3.68 14.19
S4 SF4 E . -5.42 -5.79 12.01
FE1 SF4 F . -7.29 -16.74 10.00
FE2 SF4 F . -5.71 -17.26 7.82
FE3 SF4 F . -4.97 -18.19 10.31
FE4 SF4 F . -4.85 -15.55 9.77
S1 SF4 F . -3.61 -17.17 8.80
S2 SF4 F . -5.71 -16.50 11.64
S3 SF4 F . -6.63 -15.26 8.38
S4 SF4 F . -6.81 -18.79 9.09
FE1 SF4 G . -13.34 -25.25 11.23
FE2 SF4 G . -15.14 -23.65 9.96
FE3 SF4 G . -15.17 -23.90 12.66
FE4 SF4 G . -15.90 -26.01 11.08
S1 SF4 G . -16.95 -23.95 11.24
S2 SF4 G . -14.54 -26.10 12.90
S3 SF4 G . -14.48 -25.78 9.39
S4 SF4 G . -13.56 -22.97 11.46
FE1 FES H . -4.60 -18.41 -5.20
FE2 FES H . -4.42 -19.00 -2.57
S1 FES H . -2.87 -19.21 -4.12
S2 FES H . -6.19 -18.32 -3.68
C1 GOL I . -18.38 -1.79 38.97
O1 GOL I . -18.56 -0.75 37.98
C2 GOL I . -19.75 -2.38 39.53
O2 GOL I . -20.42 -1.48 40.36
C3 GOL I . -20.61 -2.87 38.33
O3 GOL I . -21.94 -3.12 38.79
H11 GOL I . -17.89 -1.45 39.73
H12 GOL I . -17.87 -2.53 38.62
HO1 GOL I . -18.62 -1.16 37.24
H2 GOL I . -19.56 -3.14 40.08
HO2 GOL I . -21.20 -1.79 40.51
H31 GOL I . -20.17 -3.66 37.97
H32 GOL I . -20.56 -2.21 37.63
HO3 GOL I . -22.42 -2.49 38.48
MG MG J . -31.26 -9.34 36.02
MG MG K . 0.89 -12.51 -4.53
CL CL L . -36.03 6.48 30.80
N1 MHX M . 20.42 -5.85 -10.79
C4 MHX M . 20.04 -3.11 -15.18
C5 MHX M . 22.39 -3.13 -14.15
C6 MHX M . 24.35 -3.78 -12.52
C7 MHX M . 23.44 -5.50 -14.34
FE1 MHX M . 20.64 -3.16 -13.43
FE2 MHX M . 22.70 -4.68 -12.97
S1 MHX M . 20.60 -5.47 -13.55
S2 MHX M . 21.65 -3.47 -11.35
O3 MHX M . 20.85 -0.23 -13.02
N4 MHX M . 19.68 -3.08 -16.35
O5 MHX M . 23.10 -2.56 -14.93
N6 MHX M . 25.21 -3.15 -12.14
O7 MHX M . 23.91 -5.96 -15.33
C3 MHX M . 20.78 -1.42 -13.33
C2 MHX M . 20.61 -4.51 -10.17
C1 MHX M . 19.76 -6.19 -12.08
C MHX M . 23.00 -6.13 -11.96
O MHX M . 23.23 -7.06 -11.30
FE1 SF4 N . 18.75 0.81 -9.84
FE2 SF4 N . 16.15 0.21 -9.57
FE3 SF4 N . 18.03 -1.18 -8.19
FE4 SF4 N . 17.86 -1.48 -10.91
S1 SF4 N . 16.27 -2.06 -9.35
S2 SF4 N . 19.77 -1.19 -9.67
S3 SF4 N . 17.24 0.55 -11.56
S4 SF4 N . 17.53 1.02 -7.92
FE1 SF4 O . 13.28 6.68 -4.27
FE2 SF4 O . 11.69 8.03 -2.43
FE3 SF4 O . 12.73 9.36 -4.66
FE4 SF4 O . 14.31 8.60 -2.57
S1 SF4 O . 12.66 10.11 -2.46
S2 SF4 O . 14.74 8.36 -4.82
S3 SF4 O . 13.36 6.59 -1.94
S4 SF4 O . 11.21 7.61 -4.69
FE1 SF4 P . 7.22 16.86 -9.68
FE2 SF4 P . 4.67 17.06 -8.70
FE3 SF4 P . 6.68 18.80 -7.82
FE4 SF4 P . 6.76 16.21 -7.08
S1 SF4 P . 5.17 17.72 -6.49
S2 SF4 P . 8.49 17.44 -7.88
S3 SF4 P . 5.89 15.15 -8.95
S4 SF4 P . 5.78 18.60 -9.97
FE1 SF4 Q . 7.86 23.90 -17.52
FE2 SF4 Q . 7.44 21.65 -18.99
FE3 SF4 Q . 9.97 22.61 -18.68
FE4 SF4 Q . 8.12 23.98 -20.20
S1 SF4 Q . 8.93 21.88 -20.62
S2 SF4 Q . 9.51 24.89 -18.66
S3 SF4 Q . 6.22 23.57 -19.08
S4 SF4 Q . 8.69 21.80 -17.04
FE1 FES R . -8.24 14.72 -10.25
FE2 FES R . -5.97 16.08 -9.77
S1 FES R . -7.85 16.17 -8.65
S2 FES R . -6.37 14.68 -11.41
MG MG S . 38.70 11.35 -26.83
C1 GOL T . 40.40 7.93 -12.18
O1 GOL T . 39.97 6.57 -12.15
C2 GOL T . 41.19 8.24 -13.50
O2 GOL T . 42.32 7.44 -13.62
C3 GOL T . 40.17 8.10 -14.66
O3 GOL T . 40.87 8.25 -15.90
H11 GOL T . 40.97 8.14 -11.44
H12 GOL T . 39.65 8.54 -12.14
HO1 GOL T . 39.17 6.55 -12.43
H2 GOL T . 41.53 9.14 -13.50
HO2 GOL T . 42.67 7.60 -14.38
H31 GOL T . 39.48 8.77 -14.55
H32 GOL T . 39.73 7.24 -14.58
HO3 GOL T . 40.85 7.49 -16.28
MG MG U . -7.64 10.74 -3.32
CL CL V . 38.12 -6.00 -27.86
#